data_4IXU
#
_entry.id   4IXU
#
_cell.length_a   127.400
_cell.length_b   127.400
_cell.length_c   159.249
_cell.angle_alpha   90.00
_cell.angle_beta   90.00
_cell.angle_gamma   90.00
#
_symmetry.space_group_name_H-M   'P 42 21 2'
#
loop_
_entity.id
_entity.type
_entity.pdbx_description
1 polymer 'Arginase-2, mitochondrial'
2 non-polymer 'MANGANESE (II) ION'
3 non-polymer BENZAMIDINE
4 non-polymer BETA-MERCAPTOETHANOL
5 non-polymer {(5R)-5-amino-5-carboxy-5-[(3-endo)-8-(3,4-dichlorobenzyl)-8-azabicyclo[3.2.1]oct-3-yl]pentyl}(trihydroxy)borate(1-)
6 water water
#
_entity_poly.entity_id   1
_entity_poly.type   'polypeptide(L)'
_entity_poly.pdbx_seq_one_letter_code
;HSVAVIGAPFSQGQKRKGVEHGPAAIREAGLMKRLSSLGCHLKDFGDLSFTPVPKDDLYNNLIVNPRSVGLANQELAEVV
SRAVSDGYSCVTLGGDHSLAIGTISGHARHCPDLCVVWVDAHADINTPLTTSSGNLHGQPVSFLLRELQDKVPQLPGFSW
IKPCISSASIVYIGLRDVDPPEHFILKNYDIQYFSMRDIDRLGIQKVMERTFDLLIGKRQRPIHLSFDIDAFDPTLAPAT
GTPVVGGLTYREGMYIAEEIHNTGLLSALDLVEVNPQLATSEEEAKTTANLAVDVIASSFGQTREG
;
_entity_poly.pdbx_strand_id   A,B,C
#
loop_
_chem_comp.id
_chem_comp.type
_chem_comp.name
_chem_comp.formula
38I non-polymer {(5R)-5-amino-5-carboxy-5-[(3-endo)-8-(3,4-dichlorobenzyl)-8-azabicyclo[3.2.1]oct-3-yl]pentyl}(trihydroxy)borate(1-) 'C20 H30 B Cl2 N2 O5 -1'
BEN non-polymer BENZAMIDINE 'C7 H8 N2'
BME non-polymer BETA-MERCAPTOETHANOL 'C2 H6 O S'
MN non-polymer 'MANGANESE (II) ION' 'Mn 2'
#
# COMPACT_ATOMS: atom_id res chain seq x y z
N HIS A 1 20.76 24.91 -9.42
CA HIS A 1 21.93 24.79 -8.58
C HIS A 1 21.77 25.57 -7.31
N SER A 2 21.04 26.68 -7.39
CA SER A 2 20.81 27.53 -6.23
C SER A 2 19.38 27.41 -5.72
N VAL A 3 19.23 27.20 -4.42
CA VAL A 3 17.92 27.05 -3.80
C VAL A 3 17.77 28.06 -2.68
N ALA A 4 16.68 28.80 -2.70
CA ALA A 4 16.34 29.67 -1.58
C ALA A 4 15.32 28.97 -0.70
N VAL A 5 15.50 29.09 0.61
CA VAL A 5 14.55 28.51 1.54
C VAL A 5 13.92 29.63 2.36
N ILE A 6 12.60 29.70 2.33
CA ILE A 6 11.86 30.72 3.05
C ILE A 6 10.88 30.04 3.98
N GLY A 7 10.96 30.36 5.26
CA GLY A 7 9.96 29.89 6.21
C GLY A 7 8.80 30.86 6.23
N ALA A 8 7.59 30.36 6.00
CA ALA A 8 6.38 31.19 6.00
C ALA A 8 5.39 30.66 7.00
N PRO A 9 5.55 31.07 8.26
CA PRO A 9 4.68 30.45 9.28
C PRO A 9 3.24 30.99 9.32
N PHE A 10 2.54 30.91 8.18
CA PHE A 10 1.12 31.29 8.08
C PHE A 10 0.28 30.37 8.93
N SER A 11 -0.62 30.91 9.75
CA SER A 11 -1.63 30.06 10.36
C SER A 11 -3.03 30.64 10.14
N GLN A 12 -3.09 31.89 9.70
CA GLN A 12 -4.38 32.58 9.66
C GLN A 12 -5.25 32.26 8.44
N GLY A 13 -4.75 31.39 7.56
CA GLY A 13 -5.58 30.85 6.48
C GLY A 13 -6.53 29.77 6.97
N GLN A 14 -6.42 29.41 8.25
CA GLN A 14 -7.26 28.37 8.81
C GLN A 14 -7.38 28.56 10.33
N LYS A 15 -8.03 27.61 11.00
CA LYS A 15 -8.43 27.86 12.40
C LYS A 15 -7.69 27.04 13.45
N ARG A 16 -6.87 26.09 13.02
CA ARG A 16 -6.16 25.22 13.96
C ARG A 16 -4.78 25.74 14.32
N LYS A 17 -4.50 25.82 15.61
CA LYS A 17 -3.20 26.30 16.06
C LYS A 17 -2.12 25.27 15.78
N GLY A 18 -0.94 25.76 15.41
CA GLY A 18 0.26 24.93 15.36
C GLY A 18 0.94 24.85 14.01
N VAL A 19 0.19 25.10 12.94
CA VAL A 19 0.76 25.00 11.60
C VAL A 19 1.85 26.06 11.38
N GLU A 20 1.84 27.11 12.20
CA GLU A 20 2.91 28.09 12.10
C GLU A 20 4.27 27.50 12.52
N HIS A 21 4.23 26.35 13.18
CA HIS A 21 5.47 25.68 13.58
C HIS A 21 5.99 24.67 12.56
N GLY A 22 5.28 24.54 11.45
CA GLY A 22 5.72 23.69 10.36
C GLY A 22 7.12 23.95 9.86
N PRO A 23 7.45 25.21 9.56
CA PRO A 23 8.80 25.48 9.04
C PRO A 23 9.91 25.04 9.98
N ALA A 24 9.79 25.32 11.27
CA ALA A 24 10.83 24.88 12.20
C ALA A 24 10.89 23.36 12.24
N ALA A 25 9.73 22.71 12.21
CA ALA A 25 9.70 21.24 12.25
C ALA A 25 10.44 20.64 11.06
N ILE A 26 10.23 21.24 9.89
CA ILE A 26 10.87 20.75 8.68
C ILE A 26 12.37 20.99 8.70
N ARG A 27 12.79 22.16 9.16
CA ARG A 27 14.21 22.43 9.31
C ARG A 27 14.88 21.46 10.27
N GLU A 28 14.20 21.20 11.39
CA GLU A 28 14.75 20.32 12.43
CA GLU A 28 14.80 20.33 12.41
C GLU A 28 14.92 18.90 11.90
N ALA A 29 14.08 18.54 10.91
CA ALA A 29 14.16 17.22 10.30
C ALA A 29 15.33 17.12 9.32
N GLY A 30 16.12 18.18 9.22
CA GLY A 30 17.37 18.12 8.47
C GLY A 30 17.33 18.62 7.03
N LEU A 31 16.39 19.49 6.71
CA LEU A 31 16.23 19.97 5.33
C LEU A 31 17.50 20.56 4.71
N MET A 32 18.15 21.47 5.42
CA MET A 32 19.27 22.20 4.81
C MET A 32 20.43 21.28 4.45
N LYS A 33 20.83 20.38 5.34
CA LYS A 33 21.86 19.43 4.99
C LYS A 33 21.48 18.52 3.81
N ARG A 34 20.24 18.06 3.78
CA ARG A 34 19.80 17.20 2.68
C ARG A 34 19.97 17.88 1.33
N LEU A 35 19.58 19.16 1.28
CA LEU A 35 19.70 19.92 0.03
C LEU A 35 21.17 20.19 -0.32
N SER A 36 21.97 20.54 0.67
CA SER A 36 23.40 20.76 0.45
CA SER A 36 23.40 20.75 0.47
C SER A 36 24.06 19.52 -0.13
N SER A 37 23.78 18.36 0.45
CA SER A 37 24.39 17.13 -0.03
CA SER A 37 24.36 17.10 -0.02
C SER A 37 24.01 16.82 -1.47
N LEU A 38 22.91 17.40 -1.95
CA LEU A 38 22.50 17.21 -3.34
C LEU A 38 23.21 18.17 -4.28
N GLY A 39 24.00 19.07 -3.72
CA GLY A 39 24.74 20.02 -4.53
C GLY A 39 24.04 21.36 -4.67
N CYS A 40 22.97 21.56 -3.89
CA CYS A 40 22.28 22.84 -3.89
C CYS A 40 23.06 23.92 -3.15
N HIS A 41 23.32 25.03 -3.83
CA HIS A 41 23.82 26.23 -3.16
C HIS A 41 22.62 26.90 -2.50
N LEU A 42 22.72 27.18 -1.20
CA LEU A 42 21.56 27.58 -0.41
C LEU A 42 21.58 29.03 0.03
N LYS A 43 20.44 29.69 -0.10
CA LYS A 43 20.21 30.96 0.56
C LYS A 43 19.04 30.76 1.53
N ASP A 44 19.30 30.87 2.82
CA ASP A 44 18.24 30.70 3.80
C ASP A 44 17.71 32.07 4.18
N PHE A 45 16.44 32.33 3.88
CA PHE A 45 15.83 33.60 4.28
C PHE A 45 15.32 33.54 5.72
N GLY A 46 15.46 32.38 6.36
CA GLY A 46 14.92 32.18 7.70
C GLY A 46 13.41 32.16 7.71
N ASP A 47 12.82 32.35 8.90
CA ASP A 47 11.36 32.43 9.03
C ASP A 47 10.91 33.87 9.01
N LEU A 48 10.03 34.21 8.08
CA LEU A 48 9.52 35.58 7.97
C LEU A 48 8.60 35.93 9.11
N SER A 49 8.60 37.21 9.49
CA SER A 49 7.64 37.77 10.43
C SER A 49 6.73 38.69 9.63
N PHE A 50 5.45 38.37 9.61
CA PHE A 50 4.50 39.14 8.80
C PHE A 50 3.86 40.28 9.57
N THR A 51 3.60 41.39 8.88
CA THR A 51 3.01 42.55 9.53
C THR A 51 1.56 42.28 9.92
N PRO A 52 1.23 42.46 11.21
CA PRO A 52 -0.16 42.27 11.66
C PRO A 52 -1.06 43.40 11.14
N VAL A 53 -2.35 43.13 11.12
CA VAL A 53 -3.35 44.12 10.68
C VAL A 53 -4.33 44.33 11.81
N PRO A 54 -4.44 45.57 12.31
CA PRO A 54 -5.40 45.78 13.39
C PRO A 54 -6.83 45.62 12.90
N LYS A 55 -7.69 45.08 13.74
CA LYS A 55 -9.13 45.01 13.48
C LYS A 55 -9.44 44.29 12.17
N ASP A 56 -8.86 43.11 12.00
CA ASP A 56 -9.08 42.33 10.78
C ASP A 56 -10.35 41.51 10.93
N ASP A 57 -11.47 42.22 10.99
CA ASP A 57 -12.79 41.60 11.14
C ASP A 57 -13.03 40.57 10.04
N LEU A 58 -13.93 39.65 10.24
CA LEU A 58 -14.31 38.75 9.19
C LEU A 58 -14.68 39.57 7.97
N TYR A 59 -14.61 38.99 6.82
CA TYR A 59 -15.22 39.57 5.65
C TYR A 59 -16.55 38.87 5.44
N ASN A 60 -17.60 39.63 5.24
CA ASN A 60 -18.88 39.05 4.99
C ASN A 60 -19.41 38.08 6.07
N ASN A 61 -19.08 38.37 7.31
CA ASN A 61 -19.42 37.49 8.44
C ASN A 61 -18.94 36.05 8.30
N LEU A 62 -18.06 35.80 7.34
CA LEU A 62 -17.58 34.43 7.10
C LEU A 62 -16.08 34.23 6.89
N ILE A 63 -15.47 35.06 6.04
CA ILE A 63 -14.07 34.85 5.67
C ILE A 63 -13.16 35.39 6.74
N VAL A 64 -12.35 34.52 7.35
CA VAL A 64 -11.56 34.99 8.47
C VAL A 64 -10.28 35.61 7.98
N ASN A 65 -9.71 36.43 8.84
CA ASN A 65 -8.40 37.05 8.66
C ASN A 65 -8.06 37.49 7.22
N PRO A 66 -9.00 38.10 6.48
CA PRO A 66 -8.61 38.39 5.10
C PRO A 66 -7.49 39.42 4.97
N ARG A 67 -7.51 40.49 5.77
CA ARG A 67 -6.47 41.49 5.65
C ARG A 67 -5.11 40.93 6.08
N SER A 68 -5.11 40.10 7.12
CA SER A 68 -3.86 39.53 7.62
C SER A 68 -3.27 38.57 6.59
N VAL A 69 -4.11 37.70 6.05
CA VAL A 69 -3.68 36.76 5.02
C VAL A 69 -3.26 37.51 3.75
N GLY A 70 -4.01 38.54 3.39
CA GLY A 70 -3.68 39.32 2.21
C GLY A 70 -2.33 40.00 2.33
N LEU A 71 -2.09 40.65 3.47
CA LEU A 71 -0.84 41.39 3.65
C LEU A 71 0.34 40.46 3.80
N ALA A 72 0.17 39.38 4.56
CA ALA A 72 1.24 38.39 4.71
C ALA A 72 1.64 37.85 3.33
N ASN A 73 0.65 37.57 2.51
CA ASN A 73 0.94 37.08 1.14
C ASN A 73 1.63 38.13 0.27
N GLN A 74 1.23 39.39 0.43
CA GLN A 74 1.89 40.46 -0.32
C GLN A 74 3.37 40.53 0.05
N GLU A 75 3.65 40.44 1.34
CA GLU A 75 5.01 40.50 1.81
C GLU A 75 5.80 39.28 1.35
N LEU A 76 5.16 38.11 1.43
CA LEU A 76 5.79 36.87 0.98
C LEU A 76 6.10 36.93 -0.51
N ALA A 77 5.16 37.44 -1.30
CA ALA A 77 5.36 37.53 -2.74
C ALA A 77 6.60 38.35 -3.07
N GLU A 78 6.83 39.40 -2.29
CA GLU A 78 7.99 40.26 -2.48
C GLU A 78 9.29 39.47 -2.30
N VAL A 79 9.34 38.65 -1.26
CA VAL A 79 10.54 37.85 -0.97
C VAL A 79 10.75 36.78 -2.04
N VAL A 80 9.66 36.12 -2.43
CA VAL A 80 9.75 35.07 -3.46
C VAL A 80 10.21 35.65 -4.78
N SER A 81 9.61 36.77 -5.18
CA SER A 81 9.98 37.44 -6.43
C SER A 81 11.47 37.77 -6.45
N ARG A 82 11.95 38.30 -5.34
CA ARG A 82 13.36 38.66 -5.21
C ARG A 82 14.27 37.45 -5.34
N ALA A 83 13.91 36.36 -4.66
CA ALA A 83 14.72 35.14 -4.71
C ALA A 83 14.77 34.55 -6.13
N VAL A 84 13.61 34.48 -6.76
CA VAL A 84 13.54 33.91 -8.10
C VAL A 84 14.30 34.80 -9.07
N SER A 85 14.16 36.10 -8.89
CA SER A 85 14.85 37.04 -9.78
C SER A 85 16.37 36.95 -9.63
N ASP A 86 16.84 36.57 -8.44
CA ASP A 86 18.28 36.36 -8.22
C ASP A 86 18.78 34.99 -8.65
N GLY A 87 17.91 34.20 -9.25
CA GLY A 87 18.29 32.92 -9.85
C GLY A 87 18.11 31.71 -8.95
N TYR A 88 17.41 31.86 -7.84
CA TYR A 88 17.16 30.75 -6.93
C TYR A 88 15.86 30.02 -7.26
N SER A 89 15.89 28.69 -7.18
CA SER A 89 14.66 27.92 -7.07
C SER A 89 14.19 28.16 -5.65
N CYS A 90 12.91 28.51 -5.50
CA CYS A 90 12.42 29.00 -4.23
C CYS A 90 11.56 27.99 -3.47
N VAL A 91 12.08 27.51 -2.34
CA VAL A 91 11.36 26.58 -1.50
C VAL A 91 10.73 27.35 -0.34
N THR A 92 9.39 27.31 -0.26
CA THR A 92 8.71 27.96 0.84
C THR A 92 8.09 26.91 1.76
N LEU A 93 8.41 26.99 3.04
CA LEU A 93 7.89 26.06 4.04
C LEU A 93 6.72 26.69 4.78
N GLY A 94 5.57 26.01 4.78
CA GLY A 94 4.40 26.48 5.50
C GLY A 94 4.27 25.83 6.88
N GLY A 95 3.30 26.27 7.67
CA GLY A 95 2.35 27.31 7.28
C GLY A 95 1.19 26.73 6.49
N ASP A 96 0.02 27.37 6.56
CA ASP A 96 -1.13 26.85 5.85
C ASP A 96 -1.09 27.21 4.38
N HIS A 97 -1.95 26.56 3.59
CA HIS A 97 -1.86 26.66 2.14
C HIS A 97 -2.29 28.01 1.56
N SER A 98 -2.84 28.93 2.36
CA SER A 98 -3.16 30.25 1.80
C SER A 98 -1.88 30.98 1.36
N LEU A 99 -0.73 30.52 1.83
CA LEU A 99 0.53 31.16 1.44
C LEU A 99 0.86 30.96 -0.04
N ALA A 100 0.20 30.00 -0.68
CA ALA A 100 0.43 29.80 -2.11
C ALA A 100 -0.02 31.01 -2.91
N ILE A 101 -0.91 31.82 -2.34
CA ILE A 101 -1.28 33.07 -3.00
C ILE A 101 -0.03 33.91 -3.19
N GLY A 102 0.73 34.04 -2.12
CA GLY A 102 1.96 34.79 -2.14
C GLY A 102 3.09 34.16 -2.92
N THR A 103 3.30 32.86 -2.76
CA THR A 103 4.43 32.23 -3.47
C THR A 103 4.22 32.19 -4.97
N ILE A 104 3.00 31.86 -5.38
CA ILE A 104 2.73 31.78 -6.81
C ILE A 104 2.69 33.18 -7.42
N SER A 105 2.11 34.14 -6.72
CA SER A 105 2.14 35.52 -7.20
C SER A 105 3.55 36.02 -7.36
N GLY A 106 4.37 35.80 -6.34
CA GLY A 106 5.76 36.24 -6.35
C GLY A 106 6.58 35.55 -7.43
N HIS A 107 6.35 34.25 -7.58
CA HIS A 107 7.01 33.47 -8.62
C HIS A 107 6.64 33.99 -9.99
N ALA A 108 5.35 34.22 -10.19
CA ALA A 108 4.85 34.64 -11.51
C ALA A 108 5.34 36.05 -11.86
N ARG A 109 5.66 36.82 -10.83
CA ARG A 109 6.18 38.17 -11.00
C ARG A 109 7.50 38.12 -11.78
N HIS A 110 8.30 37.07 -11.59
CA HIS A 110 9.52 36.94 -12.38
C HIS A 110 9.39 35.96 -13.54
N CYS A 111 8.47 35.01 -13.42
CA CYS A 111 8.30 33.97 -14.44
C CYS A 111 6.85 33.85 -14.86
N PRO A 112 6.38 34.77 -15.71
CA PRO A 112 4.95 34.82 -16.01
C PRO A 112 4.41 33.59 -16.74
N ASP A 113 5.28 32.81 -17.37
CA ASP A 113 4.79 31.63 -18.10
C ASP A 113 4.84 30.35 -17.23
N LEU A 114 4.88 30.50 -15.93
CA LEU A 114 4.95 29.36 -15.06
C LEU A 114 3.73 28.44 -15.19
N CYS A 115 3.89 27.19 -14.80
CA CYS A 115 2.76 26.29 -14.66
C CYS A 115 2.79 25.72 -13.24
N VAL A 116 1.67 25.17 -12.79
CA VAL A 116 1.53 24.77 -11.40
C VAL A 116 1.14 23.30 -11.31
N VAL A 117 1.89 22.56 -10.51
CA VAL A 117 1.48 21.20 -10.17
C VAL A 117 1.05 21.24 -8.71
N TRP A 118 -0.22 20.99 -8.48
CA TRP A 118 -0.83 21.15 -7.16
C TRP A 118 -1.14 19.78 -6.59
N VAL A 119 -0.35 19.36 -5.60
CA VAL A 119 -0.46 18.04 -5.02
C VAL A 119 -1.14 18.12 -3.66
N ASP A 120 -2.33 17.53 -3.54
CA ASP A 120 -3.25 17.89 -2.46
C ASP A 120 -4.40 16.90 -2.41
N ALA A 121 -4.93 16.63 -1.22
CA ALA A 121 -6.18 15.89 -1.09
C ALA A 121 -7.34 16.77 -1.57
N HIS A 122 -7.09 18.08 -1.55
CA HIS A 122 -8.14 19.08 -1.80
C HIS A 122 -7.81 19.98 -2.98
N ALA A 123 -8.83 20.56 -3.58
CA ALA A 123 -8.64 21.43 -4.74
C ALA A 123 -8.32 22.87 -4.38
N ASP A 124 -8.64 23.27 -3.15
CA ASP A 124 -8.30 24.62 -2.68
C ASP A 124 -8.77 25.71 -3.63
N ILE A 125 -9.93 25.50 -4.25
CA ILE A 125 -10.38 26.38 -5.31
C ILE A 125 -11.77 26.97 -5.02
N ASN A 126 -12.22 26.84 -3.77
CA ASN A 126 -13.39 27.60 -3.36
C ASN A 126 -13.13 29.07 -3.53
N THR A 127 -14.19 29.83 -3.79
CA THR A 127 -14.09 31.28 -3.80
C THR A 127 -14.74 31.80 -2.52
N PRO A 128 -14.60 33.11 -2.24
CA PRO A 128 -15.31 33.65 -1.07
C PRO A 128 -16.83 33.46 -1.12
N LEU A 129 -17.35 33.18 -2.31
CA LEU A 129 -18.80 32.98 -2.46
C LEU A 129 -19.19 31.52 -2.37
N THR A 130 -18.22 30.61 -2.41
CA THR A 130 -18.56 29.19 -2.34
C THR A 130 -18.00 28.50 -1.09
N THR A 131 -17.03 29.10 -0.42
CA THR A 131 -16.45 28.45 0.77
C THR A 131 -17.52 28.20 1.83
N SER A 132 -17.48 27.02 2.43
CA SER A 132 -18.40 26.72 3.51
C SER A 132 -17.72 26.93 4.87
N SER A 133 -16.42 27.13 4.86
CA SER A 133 -15.64 27.20 6.10
C SER A 133 -15.19 28.62 6.39
N GLY A 134 -14.99 29.42 5.35
CA GLY A 134 -14.45 30.76 5.49
C GLY A 134 -12.94 30.79 5.60
N ASN A 135 -12.32 29.62 5.51
CA ASN A 135 -10.87 29.51 5.68
C ASN A 135 -10.14 29.71 4.37
N LEU A 136 -9.26 30.70 4.34
CA LEU A 136 -8.59 31.05 3.09
C LEU A 136 -7.65 29.97 2.53
N HIS A 137 -7.22 29.12 3.33
CA HIS A 137 -6.39 28.02 2.82
C HIS A 137 -7.15 27.02 1.92
N GLY A 138 -8.40 27.12 1.86
CA GLY A 138 -9.21 26.32 0.97
C GLY A 138 -9.67 27.11 -0.23
N GLN A 139 -9.16 28.32 -0.37
CA GLN A 139 -9.50 29.19 -1.50
C GLN A 139 -8.36 29.71 -2.39
N PRO A 140 -7.08 29.36 -2.10
CA PRO A 140 -6.06 30.19 -2.76
C PRO A 140 -6.10 30.16 -4.27
N VAL A 141 -6.46 29.02 -4.87
CA VAL A 141 -6.43 28.93 -6.32
C VAL A 141 -7.46 29.87 -6.97
N SER A 142 -8.57 30.14 -6.27
CA SER A 142 -9.57 31.04 -6.85
C SER A 142 -9.04 32.45 -7.09
N PHE A 143 -8.09 32.91 -6.27
CA PHE A 143 -7.56 34.25 -6.47
C PHE A 143 -6.50 34.32 -7.56
N LEU A 144 -6.00 33.15 -7.97
CA LEU A 144 -4.88 33.07 -8.91
C LEU A 144 -5.31 32.76 -10.34
N LEU A 145 -6.47 32.14 -10.50
CA LEU A 145 -6.90 31.67 -11.82
C LEU A 145 -7.55 32.77 -12.60
N ARG A 146 -7.02 33.07 -13.79
CA ARG A 146 -7.55 34.13 -14.63
C ARG A 146 -9.02 33.96 -14.98
N GLU A 147 -9.44 32.75 -15.33
CA GLU A 147 -10.81 32.53 -15.80
C GLU A 147 -11.89 32.75 -14.74
N LEU A 148 -11.51 32.73 -13.47
CA LEU A 148 -12.49 32.84 -12.39
C LEU A 148 -12.73 34.26 -11.83
N GLN A 149 -12.02 35.25 -12.36
CA GLN A 149 -12.02 36.64 -11.94
CA GLN A 149 -12.02 36.47 -11.58
C GLN A 149 -13.34 37.23 -11.58
N ASP A 150 -14.22 36.98 -12.55
CA ASP A 150 -15.53 37.62 -12.57
C ASP A 150 -16.44 37.03 -11.51
N LYS A 151 -16.00 35.91 -10.91
CA LYS A 151 -16.78 35.27 -9.87
C LYS A 151 -16.15 35.44 -8.49
N VAL A 152 -15.02 36.14 -8.44
CA VAL A 152 -14.30 36.30 -7.17
C VAL A 152 -14.37 37.74 -6.69
N PRO A 153 -15.08 37.98 -5.58
CA PRO A 153 -15.20 39.34 -5.05
C PRO A 153 -13.87 39.81 -4.51
N GLN A 154 -13.72 41.13 -4.38
CA GLN A 154 -12.48 41.71 -3.93
C GLN A 154 -12.49 41.73 -2.41
N LEU A 155 -11.55 41.03 -1.80
CA LEU A 155 -11.42 41.00 -0.33
C LEU A 155 -10.52 42.13 0.15
N PRO A 156 -10.76 42.62 1.37
CA PRO A 156 -9.85 43.61 1.94
C PRO A 156 -8.45 43.00 2.13
N GLY A 157 -7.42 43.71 1.67
CA GLY A 157 -6.06 43.21 1.73
C GLY A 157 -5.62 42.42 0.51
N PHE A 158 -6.56 42.21 -0.42
CA PHE A 158 -6.30 41.39 -1.59
C PHE A 158 -6.17 42.20 -2.88
N SER A 159 -6.27 43.52 -2.82
CA SER A 159 -6.32 44.31 -4.06
C SER A 159 -5.03 44.23 -4.88
N TRP A 160 -3.90 43.94 -4.22
CA TRP A 160 -2.60 43.84 -4.91
C TRP A 160 -2.51 42.62 -5.83
N ILE A 161 -3.40 41.66 -5.66
CA ILE A 161 -3.28 40.39 -6.40
C ILE A 161 -3.74 40.54 -7.85
N LYS A 162 -2.90 40.11 -8.78
CA LYS A 162 -3.36 39.95 -10.15
C LYS A 162 -3.29 38.48 -10.49
N PRO A 163 -4.43 37.90 -10.87
CA PRO A 163 -4.51 36.50 -11.29
C PRO A 163 -3.45 36.20 -12.35
N CYS A 164 -2.68 35.13 -12.17
CA CYS A 164 -1.50 34.93 -12.99
C CYS A 164 -1.41 33.54 -13.61
N ILE A 165 -2.48 32.76 -13.43
CA ILE A 165 -2.52 31.39 -13.85
C ILE A 165 -3.75 31.16 -14.73
N SER A 166 -3.53 30.56 -15.84
CA SER A 166 -4.68 30.18 -16.55
C SER A 166 -5.18 28.78 -16.24
N SER A 167 -6.42 28.46 -16.52
CA SER A 167 -6.97 27.18 -16.10
C SER A 167 -6.25 26.01 -16.78
N ALA A 168 -5.62 26.26 -17.92
CA ALA A 168 -4.89 25.21 -18.63
C ALA A 168 -3.50 25.00 -18.06
N SER A 169 -3.12 25.84 -17.10
CA SER A 169 -1.75 25.85 -16.60
C SER A 169 -1.57 25.28 -15.19
N ILE A 170 -2.61 24.67 -14.65
CA ILE A 170 -2.52 24.01 -13.36
C ILE A 170 -3.07 22.60 -13.49
N VAL A 171 -2.36 21.64 -12.90
CA VAL A 171 -2.84 20.27 -12.81
C VAL A 171 -2.81 19.82 -11.35
N TYR A 172 -3.91 19.25 -10.89
CA TYR A 172 -3.98 18.70 -9.55
C TYR A 172 -3.66 17.23 -9.55
N ILE A 173 -2.99 16.77 -8.50
CA ILE A 173 -2.75 15.33 -8.30
C ILE A 173 -3.07 14.98 -6.86
N GLY A 174 -3.90 13.99 -6.65
CA GLY A 174 -4.15 13.53 -5.30
C GLY A 174 -5.55 13.71 -4.77
N LEU A 175 -6.38 14.36 -5.55
CA LEU A 175 -7.67 14.84 -5.04
C LEU A 175 -8.63 13.77 -4.56
N ARG A 176 -9.10 13.93 -3.33
CA ARG A 176 -10.11 13.01 -2.81
C ARG A 176 -11.15 13.63 -1.89
N ASP A 177 -11.08 14.94 -1.71
CA ASP A 177 -12.05 15.63 -0.87
C ASP A 177 -12.39 16.98 -1.49
N VAL A 178 -13.33 16.95 -2.42
CA VAL A 178 -13.65 18.11 -3.23
C VAL A 178 -15.08 18.55 -2.93
N ASP A 179 -15.27 19.82 -2.59
CA ASP A 179 -16.60 20.35 -2.28
C ASP A 179 -17.42 20.44 -3.57
N PRO A 180 -18.75 20.33 -3.47
CA PRO A 180 -19.56 20.41 -4.70
C PRO A 180 -19.32 21.68 -5.56
N PRO A 181 -19.21 22.88 -4.95
CA PRO A 181 -18.89 24.00 -5.85
C PRO A 181 -17.52 23.89 -6.50
N GLU A 182 -16.55 23.27 -5.82
CA GLU A 182 -15.24 23.07 -6.41
C GLU A 182 -15.32 22.12 -7.59
N HIS A 183 -16.11 21.06 -7.45
CA HIS A 183 -16.29 20.12 -8.55
CA HIS A 183 -16.23 20.13 -8.47
C HIS A 183 -16.87 20.85 -9.75
N PHE A 184 -17.84 21.70 -9.51
CA PHE A 184 -18.43 22.50 -10.58
C PHE A 184 -17.36 23.35 -11.25
N ILE A 185 -16.52 24.00 -10.44
CA ILE A 185 -15.49 24.87 -10.99
C ILE A 185 -14.50 24.08 -11.85
N LEU A 186 -14.03 22.95 -11.33
CA LEU A 186 -13.07 22.13 -12.06
C LEU A 186 -13.65 21.68 -13.40
N LYS A 187 -14.91 21.25 -13.39
CA LYS A 187 -15.54 20.80 -14.64
C LYS A 187 -15.84 21.95 -15.58
N ASN A 188 -16.44 23.01 -15.04
CA ASN A 188 -16.86 24.14 -15.87
C ASN A 188 -15.70 24.87 -16.53
N TYR A 189 -14.55 24.92 -15.86
CA TYR A 189 -13.39 25.59 -16.42
C TYR A 189 -12.37 24.65 -17.06
N ASP A 190 -12.74 23.38 -17.15
CA ASP A 190 -11.91 22.35 -17.78
C ASP A 190 -10.52 22.29 -17.15
N ILE A 191 -10.49 22.36 -15.83
CA ILE A 191 -9.22 22.24 -15.10
C ILE A 191 -8.89 20.77 -14.96
N GLN A 192 -7.68 20.39 -15.33
CA GLN A 192 -7.32 18.97 -15.34
C GLN A 192 -6.86 18.51 -13.97
N TYR A 193 -7.30 17.33 -13.58
CA TYR A 193 -6.89 16.78 -12.29
C TYR A 193 -6.80 15.27 -12.35
N PHE A 194 -5.94 14.73 -11.50
CA PHE A 194 -5.85 13.29 -11.31
C PHE A 194 -6.21 13.00 -9.86
N SER A 195 -7.44 12.55 -9.65
CA SER A 195 -7.89 12.21 -8.30
C SER A 195 -7.22 10.92 -7.89
N MET A 196 -7.40 10.51 -6.64
CA MET A 196 -6.86 9.23 -6.20
C MET A 196 -7.39 8.08 -7.05
N ARG A 197 -8.64 8.21 -7.48
CA ARG A 197 -9.26 7.24 -8.37
C ARG A 197 -8.49 7.15 -9.70
N ASP A 198 -8.12 8.30 -10.26
CA ASP A 198 -7.32 8.30 -11.49
C ASP A 198 -5.98 7.63 -11.26
N ILE A 199 -5.37 7.87 -10.11
CA ILE A 199 -4.10 7.22 -9.81
C ILE A 199 -4.28 5.71 -9.66
N ASP A 200 -5.36 5.29 -9.02
CA ASP A 200 -5.69 3.86 -8.91
C ASP A 200 -5.77 3.19 -10.28
N ARG A 201 -6.29 3.93 -11.27
CA ARG A 201 -6.51 3.41 -12.62
C ARG A 201 -5.24 3.47 -13.46
N LEU A 202 -4.61 4.64 -13.49
CA LEU A 202 -3.49 4.87 -14.39
C LEU A 202 -2.15 4.43 -13.82
N GLY A 203 -2.03 4.51 -12.50
CA GLY A 203 -0.72 4.38 -11.89
C GLY A 203 0.00 5.72 -11.93
N ILE A 204 0.86 5.96 -10.96
CA ILE A 204 1.52 7.25 -10.83
C ILE A 204 2.46 7.58 -12.00
N GLN A 205 3.06 6.58 -12.64
CA GLN A 205 3.91 6.89 -13.82
C GLN A 205 3.11 7.57 -14.92
N LYS A 206 1.99 6.97 -15.31
CA LYS A 206 1.16 7.57 -16.36
C LYS A 206 0.57 8.91 -15.93
N VAL A 207 0.22 9.03 -14.64
CA VAL A 207 -0.26 10.32 -14.13
C VAL A 207 0.78 11.42 -14.35
N MET A 208 2.03 11.15 -14.04
CA MET A 208 3.07 12.16 -14.18
C MET A 208 3.34 12.45 -15.66
N GLU A 209 3.33 11.41 -16.49
CA GLU A 209 3.49 11.58 -17.93
C GLU A 209 2.41 12.49 -18.49
N ARG A 210 1.16 12.23 -18.10
CA ARG A 210 0.06 13.01 -18.62
C ARG A 210 0.07 14.44 -18.08
N THR A 211 0.48 14.58 -16.83
CA THR A 211 0.59 15.90 -16.23
C THR A 211 1.55 16.80 -17.01
N PHE A 212 2.73 16.27 -17.31
CA PHE A 212 3.73 17.06 -18.02
C PHE A 212 3.34 17.31 -19.47
N ASP A 213 2.68 16.35 -20.09
CA ASP A 213 2.18 16.57 -21.45
CA ASP A 213 2.19 16.57 -21.46
CA ASP A 213 2.24 16.58 -21.37
C ASP A 213 1.20 17.73 -21.49
N LEU A 214 0.33 17.81 -20.49
CA LEU A 214 -0.61 18.93 -20.40
C LEU A 214 0.10 20.26 -20.15
N LEU A 215 1.13 20.27 -19.31
CA LEU A 215 1.73 21.53 -18.89
C LEU A 215 2.91 21.94 -19.75
N ILE A 216 3.79 21.00 -20.06
CA ILE A 216 5.01 21.34 -20.79
C ILE A 216 5.19 20.50 -22.05
N GLY A 217 4.08 19.97 -22.55
CA GLY A 217 4.11 19.16 -23.75
C GLY A 217 4.45 19.99 -24.99
N LYS A 218 4.15 21.29 -24.95
CA LYS A 218 4.36 22.12 -26.14
C LYS A 218 5.59 23.03 -26.04
N ARG A 219 5.90 23.42 -24.81
CA ARG A 219 7.06 24.27 -24.58
C ARG A 219 7.56 24.09 -23.15
N GLN A 220 8.84 24.35 -22.95
CA GLN A 220 9.40 24.34 -21.60
C GLN A 220 8.86 25.52 -20.80
N ARG A 221 8.46 25.27 -19.56
CA ARG A 221 7.96 26.31 -18.66
C ARG A 221 8.50 26.06 -17.27
N PRO A 222 8.73 27.14 -16.52
CA PRO A 222 9.12 26.93 -15.12
C PRO A 222 7.96 26.30 -14.36
N ILE A 223 8.27 25.35 -13.50
CA ILE A 223 7.25 24.63 -12.77
C ILE A 223 7.21 25.10 -11.32
N HIS A 224 5.98 25.35 -10.86
CA HIS A 224 5.72 25.63 -9.46
C HIS A 224 5.02 24.41 -8.88
N LEU A 225 5.69 23.73 -7.95
CA LEU A 225 5.10 22.57 -7.27
C LEU A 225 4.53 23.03 -5.94
N SER A 226 3.21 23.01 -5.81
CA SER A 226 2.61 23.38 -4.52
C SER A 226 2.17 22.10 -3.85
N PHE A 227 2.89 21.68 -2.80
CA PHE A 227 2.68 20.36 -2.23
C PHE A 227 2.09 20.46 -0.81
N ASP A 228 0.84 20.05 -0.68
CA ASP A 228 0.14 20.00 0.60
C ASP A 228 0.45 18.63 1.19
N ILE A 229 1.07 18.59 2.37
CA ILE A 229 1.42 17.32 2.98
C ILE A 229 0.22 16.38 3.14
N ASP A 230 -1.00 16.93 3.22
CA ASP A 230 -2.18 16.08 3.35
C ASP A 230 -2.53 15.28 2.09
N ALA A 231 -1.76 15.50 1.01
CA ALA A 231 -1.90 14.61 -0.15
C ALA A 231 -1.55 13.17 0.24
N PHE A 232 -0.59 13.02 1.15
CA PHE A 232 -0.21 11.69 1.62
C PHE A 232 -1.30 11.08 2.49
N ASP A 233 -1.37 9.76 2.50
CA ASP A 233 -2.27 9.08 3.44
C ASP A 233 -2.00 9.54 4.88
N PRO A 234 -3.08 9.73 5.67
CA PRO A 234 -2.92 10.15 7.07
C PRO A 234 -2.04 9.21 7.89
N THR A 235 -1.93 7.94 7.48
CA THR A 235 -1.02 7.03 8.18
C THR A 235 0.44 7.48 8.04
N LEU A 236 0.76 8.17 6.94
CA LEU A 236 2.12 8.65 6.70
C LEU A 236 2.35 10.10 7.13
N ALA A 237 1.31 10.92 7.02
CA ALA A 237 1.41 12.33 7.39
C ALA A 237 0.28 12.70 8.33
N PRO A 238 0.32 12.18 9.56
CA PRO A 238 -0.81 12.45 10.47
C PRO A 238 -0.83 13.89 10.98
N ALA A 239 0.32 14.56 11.03
CA ALA A 239 0.38 15.90 11.64
C ALA A 239 -0.02 16.98 10.64
N THR A 240 -1.32 17.07 10.40
CA THR A 240 -1.86 18.04 9.45
C THR A 240 -3.32 18.28 9.78
N GLY A 241 -3.82 19.45 9.39
CA GLY A 241 -5.11 19.93 9.84
C GLY A 241 -6.34 19.26 9.23
N THR A 242 -6.23 18.85 7.98
CA THR A 242 -7.38 18.26 7.30
CA THR A 242 -7.38 18.25 7.30
C THR A 242 -7.03 16.93 6.64
N PRO A 243 -6.71 15.89 7.44
CA PRO A 243 -6.32 14.59 6.91
C PRO A 243 -7.51 13.91 6.25
N VAL A 244 -7.26 13.18 5.15
CA VAL A 244 -8.32 12.46 4.46
C VAL A 244 -7.80 11.07 4.13
N VAL A 245 -8.54 10.04 4.54
CA VAL A 245 -8.10 8.66 4.31
C VAL A 245 -7.94 8.36 2.82
N GLY A 246 -7.05 7.44 2.50
CA GLY A 246 -6.90 6.93 1.15
C GLY A 246 -6.05 7.80 0.25
N GLY A 247 -4.93 8.29 0.79
CA GLY A 247 -4.05 9.21 0.10
C GLY A 247 -2.87 8.55 -0.60
N LEU A 248 -1.94 9.38 -1.06
CA LEU A 248 -0.73 8.89 -1.72
C LEU A 248 0.06 8.00 -0.79
N THR A 249 0.68 6.96 -1.34
CA THR A 249 1.65 6.18 -0.60
C THR A 249 2.97 6.93 -0.57
N TYR A 250 3.90 6.50 0.29
CA TYR A 250 5.23 7.08 0.33
C TYR A 250 5.88 7.05 -1.05
N ARG A 251 5.83 5.87 -1.66
CA ARG A 251 6.44 5.67 -2.97
C ARG A 251 5.82 6.55 -4.04
N GLU A 252 4.51 6.71 -4.02
CA GLU A 252 3.87 7.59 -5.00
C GLU A 252 4.34 9.03 -4.85
N GLY A 253 4.40 9.51 -3.62
CA GLY A 253 4.88 10.86 -3.35
C GLY A 253 6.30 11.06 -3.84
N MET A 254 7.18 10.13 -3.53
CA MET A 254 8.55 10.24 -4.00
C MET A 254 8.60 10.24 -5.53
N TYR A 255 7.77 9.42 -6.15
CA TYR A 255 7.76 9.35 -7.60
C TYR A 255 7.35 10.70 -8.22
N ILE A 256 6.32 11.32 -7.66
CA ILE A 256 5.90 12.65 -8.13
C ILE A 256 7.09 13.60 -8.08
N ALA A 257 7.76 13.64 -6.94
CA ALA A 257 8.87 14.55 -6.74
C ALA A 257 10.03 14.24 -7.68
N GLU A 258 10.32 12.96 -7.86
CA GLU A 258 11.37 12.54 -8.80
C GLU A 258 11.08 13.01 -10.21
N GLU A 259 9.84 12.86 -10.65
CA GLU A 259 9.47 13.26 -11.99
C GLU A 259 9.52 14.78 -12.14
N ILE A 260 9.12 15.49 -11.08
CA ILE A 260 9.32 16.95 -11.04
C ILE A 260 10.80 17.28 -11.22
N HIS A 261 11.68 16.64 -10.44
CA HIS A 261 13.10 16.89 -10.62
C HIS A 261 13.57 16.57 -12.05
N ASN A 262 13.09 15.45 -12.60
CA ASN A 262 13.57 15.00 -13.90
C ASN A 262 13.21 15.95 -15.04
N THR A 263 12.24 16.83 -14.85
CA THR A 263 11.94 17.82 -15.90
C THR A 263 13.07 18.84 -16.06
N GLY A 264 13.85 19.03 -14.99
CA GLY A 264 14.86 20.07 -14.96
C GLY A 264 14.26 21.47 -14.91
N LEU A 265 12.96 21.56 -14.70
CA LEU A 265 12.24 22.84 -14.77
C LEU A 265 11.69 23.36 -13.44
N LEU A 266 11.94 22.65 -12.34
CA LEU A 266 11.41 23.12 -11.06
C LEU A 266 11.97 24.49 -10.70
N SER A 267 11.06 25.44 -10.47
CA SER A 267 11.48 26.81 -10.21
C SER A 267 11.07 27.29 -8.81
N ALA A 268 9.97 26.75 -8.29
CA ALA A 268 9.58 27.03 -6.90
C ALA A 268 8.77 25.89 -6.35
N LEU A 269 8.82 25.73 -5.04
CA LEU A 269 8.13 24.63 -4.38
C LEU A 269 7.55 25.12 -3.07
N ASP A 270 6.28 24.78 -2.82
CA ASP A 270 5.67 25.00 -1.51
C ASP A 270 5.52 23.66 -0.79
N LEU A 271 5.83 23.61 0.48
CA LEU A 271 5.54 22.42 1.26
C LEU A 271 4.77 22.86 2.45
N VAL A 272 3.47 22.67 2.38
CA VAL A 272 2.57 23.32 3.30
C VAL A 272 1.78 22.34 4.17
N GLU A 273 1.22 22.89 5.25
CA GLU A 273 0.24 22.22 6.10
C GLU A 273 0.77 21.18 7.08
N VAL A 274 2.09 21.13 7.26
CA VAL A 274 2.65 20.34 8.37
C VAL A 274 2.32 21.06 9.68
N ASN A 275 1.54 20.41 10.55
CA ASN A 275 1.18 21.01 11.85
C ASN A 275 1.61 20.05 12.94
N PRO A 276 2.79 20.28 13.51
CA PRO A 276 3.33 19.33 14.49
C PRO A 276 2.46 19.22 15.76
N GLN A 277 1.68 20.24 16.08
CA GLN A 277 0.82 20.19 17.27
C GLN A 277 -0.33 19.21 17.15
N LEU A 278 -0.67 18.79 15.93
CA LEU A 278 -1.80 17.89 15.75
C LEU A 278 -1.37 16.44 15.83
N ALA A 279 -0.07 16.22 15.96
CA ALA A 279 0.45 14.89 16.17
C ALA A 279 0.04 14.43 17.56
N THR A 280 -0.31 13.16 17.70
CA THR A 280 -0.64 12.60 19.02
C THR A 280 0.60 12.15 19.78
N SER A 281 1.73 12.09 19.08
CA SER A 281 3.00 11.72 19.68
C SER A 281 4.14 12.45 18.98
N GLU A 282 5.29 12.52 19.64
CA GLU A 282 6.45 13.14 19.03
C GLU A 282 6.88 12.37 17.78
N GLU A 283 6.67 11.06 17.81
CA GLU A 283 6.94 10.22 16.64
C GLU A 283 6.08 10.62 15.44
N GLU A 284 4.79 10.85 15.66
CA GLU A 284 3.89 11.27 14.58
C GLU A 284 4.31 12.62 14.00
N ALA A 285 4.77 13.51 14.86
CA ALA A 285 5.21 14.83 14.40
C ALA A 285 6.49 14.72 13.57
N LYS A 286 7.45 13.97 14.09
CA LYS A 286 8.73 13.83 13.41
C LYS A 286 8.60 13.10 12.06
N THR A 287 7.78 12.07 11.99
CA THR A 287 7.64 11.34 10.73
CA THR A 287 7.65 11.35 10.72
C THR A 287 6.99 12.23 9.67
N THR A 288 6.06 13.10 10.09
CA THR A 288 5.45 14.02 9.13
C THR A 288 6.49 14.98 8.61
N ALA A 289 7.31 15.51 9.51
CA ALA A 289 8.38 16.42 9.13
C ALA A 289 9.44 15.73 8.26
N ASN A 290 9.78 14.49 8.61
CA ASN A 290 10.75 13.74 7.80
C ASN A 290 10.23 13.50 6.39
N LEU A 291 8.94 13.25 6.28
CA LEU A 291 8.29 13.04 5.00
C LEU A 291 8.37 14.31 4.15
N ALA A 292 8.13 15.44 4.78
CA ALA A 292 8.23 16.73 4.10
C ALA A 292 9.62 16.91 3.52
N VAL A 293 10.64 16.61 4.33
CA VAL A 293 12.01 16.74 3.85
C VAL A 293 12.25 15.80 2.68
N ASP A 294 11.74 14.59 2.78
CA ASP A 294 11.89 13.63 1.67
C ASP A 294 11.29 14.17 0.35
N VAL A 295 10.12 14.78 0.43
CA VAL A 295 9.50 15.36 -0.77
C VAL A 295 10.37 16.43 -1.37
N ILE A 296 10.84 17.34 -0.52
CA ILE A 296 11.64 18.45 -1.01
C ILE A 296 12.96 17.95 -1.60
N ALA A 297 13.62 17.04 -0.89
CA ALA A 297 14.89 16.52 -1.38
C ALA A 297 14.73 15.78 -2.71
N SER A 298 13.67 15.00 -2.84
CA SER A 298 13.43 14.26 -4.07
CA SER A 298 13.45 14.26 -4.08
C SER A 298 13.16 15.21 -5.22
N SER A 299 12.47 16.31 -4.91
CA SER A 299 12.15 17.31 -5.92
C SER A 299 13.40 18.00 -6.45
N PHE A 300 14.47 17.96 -5.66
CA PHE A 300 15.73 18.57 -6.05
C PHE A 300 16.83 17.56 -6.37
N GLY A 301 16.44 16.31 -6.54
CA GLY A 301 17.35 15.35 -7.13
C GLY A 301 17.69 14.11 -6.32
N GLN A 302 17.17 13.99 -5.09
CA GLN A 302 17.45 12.76 -4.38
C GLN A 302 16.78 11.59 -5.11
N THR A 303 17.57 10.55 -5.37
CA THR A 303 17.04 9.37 -6.07
C THR A 303 16.99 8.17 -5.12
N ARG A 304 16.28 7.14 -5.53
CA ARG A 304 16.27 5.90 -4.77
C ARG A 304 17.21 4.85 -5.38
N GLU A 305 18.13 5.28 -6.24
CA GLU A 305 19.09 4.33 -6.80
C GLU A 305 20.53 4.81 -6.83
N GLY A 306 20.80 5.90 -6.12
CA GLY A 306 22.16 6.35 -5.93
C GLY A 306 22.67 7.18 -7.09
N HIS B 1 10.64 -33.90 -3.28
CA HIS B 1 11.17 -32.54 -3.14
C HIS B 1 11.81 -32.35 -1.77
N SER B 2 13.13 -32.21 -1.77
CA SER B 2 13.90 -32.14 -0.53
C SER B 2 14.44 -30.75 -0.27
N VAL B 3 14.27 -30.29 0.96
CA VAL B 3 14.74 -28.97 1.36
C VAL B 3 15.66 -29.13 2.56
N ALA B 4 16.86 -28.58 2.48
CA ALA B 4 17.74 -28.52 3.64
C ALA B 4 17.58 -27.16 4.30
N VAL B 5 17.56 -27.14 5.63
CA VAL B 5 17.50 -25.90 6.35
C VAL B 5 18.75 -25.75 7.18
N ILE B 6 19.45 -24.65 6.98
CA ILE B 6 20.70 -24.40 7.67
C ILE B 6 20.59 -23.10 8.44
N GLY B 7 20.82 -23.16 9.75
CA GLY B 7 20.87 -21.94 10.55
C GLY B 7 22.27 -21.37 10.49
N ALA B 8 22.41 -20.12 10.05
CA ALA B 8 23.73 -19.48 9.97
C ALA B 8 23.74 -18.20 10.79
N PRO B 9 23.97 -18.32 12.10
CA PRO B 9 23.83 -17.12 12.95
C PRO B 9 25.01 -16.13 12.85
N PHE B 10 25.29 -15.66 11.63
CA PHE B 10 26.34 -14.68 11.39
C PHE B 10 25.96 -13.35 12.02
N SER B 11 26.85 -12.72 12.79
CA SER B 11 26.60 -11.33 13.18
C SER B 11 27.80 -10.42 12.86
N GLN B 12 28.95 -11.04 12.56
CA GLN B 12 30.19 -10.30 12.44
C GLN B 12 30.39 -9.59 11.10
N GLY B 13 29.43 -9.75 10.20
CA GLY B 13 29.41 -8.98 8.96
C GLY B 13 28.91 -7.56 9.21
N GLN B 14 28.49 -7.28 10.43
CA GLN B 14 27.99 -5.95 10.76
C GLN B 14 28.18 -5.68 12.25
N LYS B 15 27.66 -4.55 12.75
CA LYS B 15 28.03 -4.11 14.10
C LYS B 15 26.89 -4.16 15.14
N ARG B 16 25.67 -4.47 14.70
CA ARG B 16 24.52 -4.47 15.61
C ARG B 16 24.31 -5.86 16.21
N LYS B 17 24.20 -5.92 17.54
CA LYS B 17 24.01 -7.20 18.21
C LYS B 17 22.61 -7.74 17.95
N GLY B 18 22.49 -9.05 17.77
CA GLY B 18 21.18 -9.69 17.80
C GLY B 18 20.77 -10.45 16.55
N VAL B 19 21.37 -10.11 15.42
CA VAL B 19 21.01 -10.76 14.15
C VAL B 19 21.39 -12.25 14.19
N GLU B 20 22.29 -12.61 15.11
CA GLU B 20 22.62 -14.02 15.29
C GLU B 20 21.42 -14.84 15.82
N HIS B 21 20.40 -14.14 16.33
CA HIS B 21 19.19 -14.80 16.81
C HIS B 21 18.11 -14.90 15.75
N GLY B 22 18.40 -14.41 14.55
CA GLY B 22 17.49 -14.53 13.44
C GLY B 22 17.03 -15.94 13.14
N PRO B 23 17.96 -16.90 13.04
CA PRO B 23 17.50 -18.26 12.70
C PRO B 23 16.52 -18.82 13.73
N ALA B 24 16.83 -18.63 15.01
CA ALA B 24 15.92 -19.13 16.05
C ALA B 24 14.56 -18.45 15.93
N ALA B 25 14.54 -17.15 15.66
CA ALA B 25 13.27 -16.43 15.52
C ALA B 25 12.42 -16.99 14.39
N ILE B 26 13.06 -17.29 13.28
CA ILE B 26 12.34 -17.80 12.12
C ILE B 26 11.80 -19.20 12.39
N ARG B 27 12.63 -20.04 13.01
CA ARG B 27 12.17 -21.36 13.38
C ARG B 27 10.99 -21.27 14.34
N GLU B 28 11.08 -20.36 15.31
CA GLU B 28 10.01 -20.22 16.30
C GLU B 28 8.71 -19.77 15.65
N ALA B 29 8.82 -19.08 14.51
CA ALA B 29 7.65 -18.62 13.76
C ALA B 29 6.97 -19.72 12.95
N GLY B 30 7.49 -20.94 13.08
CA GLY B 30 6.84 -22.11 12.50
C GLY B 30 7.33 -22.55 11.14
N LEU B 31 8.58 -22.20 10.79
CA LEU B 31 9.10 -22.51 9.47
C LEU B 31 9.00 -23.99 9.10
N MET B 32 9.46 -24.86 9.98
CA MET B 32 9.54 -26.28 9.61
C MET B 32 8.17 -26.89 9.35
N LYS B 33 7.19 -26.59 10.20
CA LYS B 33 5.83 -27.06 9.95
C LYS B 33 5.27 -26.54 8.64
N ARG B 34 5.51 -25.27 8.36
CA ARG B 34 5.01 -24.67 7.12
C ARG B 34 5.56 -25.38 5.89
N LEU B 35 6.87 -25.66 5.91
CA LEU B 35 7.49 -26.35 4.77
C LEU B 35 7.00 -27.81 4.64
N SER B 36 6.88 -28.52 5.76
CA SER B 36 6.34 -29.89 5.73
CA SER B 36 6.35 -29.89 5.74
C SER B 36 4.97 -29.93 5.11
N SER B 37 4.12 -28.99 5.52
CA SER B 37 2.74 -28.92 5.04
C SER B 37 2.64 -28.74 3.54
N LEU B 38 3.68 -28.15 2.95
CA LEU B 38 3.73 -27.98 1.49
C LEU B 38 4.22 -29.25 0.81
N GLY B 39 4.65 -30.22 1.60
CA GLY B 39 5.13 -31.47 1.04
C GLY B 39 6.64 -31.56 0.92
N CYS B 40 7.35 -30.61 1.55
CA CYS B 40 8.81 -30.67 1.55
C CYS B 40 9.34 -31.74 2.48
N HIS B 41 10.20 -32.60 1.93
CA HIS B 41 10.97 -33.50 2.77
C HIS B 41 12.14 -32.70 3.32
N LEU B 42 12.27 -32.67 4.65
CA LEU B 42 13.19 -31.74 5.28
C LEU B 42 14.42 -32.37 5.89
N LYS B 43 15.56 -31.72 5.69
CA LYS B 43 16.74 -32.03 6.48
C LYS B 43 17.16 -30.80 7.26
N ASP B 44 17.10 -30.87 8.57
CA ASP B 44 17.49 -29.72 9.38
C ASP B 44 18.93 -29.90 9.86
N PHE B 45 19.81 -29.00 9.43
CA PHE B 45 21.20 -29.03 9.87
C PHE B 45 21.35 -28.31 11.20
N GLY B 46 20.27 -27.75 11.71
CA GLY B 46 20.32 -26.95 12.93
C GLY B 46 21.04 -25.63 12.71
N ASP B 47 21.45 -25.01 13.81
CA ASP B 47 22.23 -23.78 13.76
C ASP B 47 23.70 -24.11 13.83
N LEU B 48 24.45 -23.73 12.81
CA LEU B 48 25.89 -24.00 12.79
C LEU B 48 26.61 -23.19 13.84
N SER B 49 27.70 -23.75 14.34
CA SER B 49 28.64 -23.02 15.20
C SER B 49 29.90 -22.81 14.38
N PHE B 50 30.24 -21.56 14.11
CA PHE B 50 31.40 -21.28 13.28
C PHE B 50 32.68 -21.15 14.10
N THR B 51 33.79 -21.58 13.52
CA THR B 51 35.07 -21.51 14.22
C THR B 51 35.53 -20.07 14.35
N PRO B 52 35.77 -19.62 15.58
CA PRO B 52 36.27 -18.26 15.82
C PRO B 52 37.73 -18.12 15.39
N VAL B 53 38.16 -16.88 15.20
CA VAL B 53 39.54 -16.59 14.83
C VAL B 53 40.14 -15.68 15.88
N PRO B 54 41.24 -16.12 16.51
CA PRO B 54 41.84 -15.23 17.51
C PRO B 54 42.42 -13.99 16.82
N LYS B 55 42.30 -12.84 17.47
CA LYS B 55 42.97 -11.62 17.02
C LYS B 55 42.59 -11.26 15.59
N ASP B 56 41.29 -11.25 15.32
CA ASP B 56 40.84 -10.91 13.99
C ASP B 56 40.77 -9.39 13.86
N ASP B 57 41.94 -8.76 13.89
CA ASP B 57 42.09 -7.31 13.78
C ASP B 57 41.42 -6.76 12.52
N LEU B 58 41.11 -5.46 12.54
CA LEU B 58 40.66 -4.80 11.35
C LEU B 58 41.62 -5.06 10.21
N TYR B 59 41.07 -5.15 9.02
CA TYR B 59 41.90 -5.07 7.85
C TYR B 59 41.91 -3.62 7.39
N ASN B 60 43.09 -3.11 7.08
CA ASN B 60 43.22 -1.75 6.62
C ASN B 60 42.54 -0.70 7.53
N ASN B 61 42.59 -0.94 8.81
CA ASN B 61 41.95 -0.06 9.80
C ASN B 61 40.47 0.21 9.61
N LEU B 62 39.82 -0.57 8.74
CA LEU B 62 38.41 -0.34 8.44
C LEU B 62 37.48 -1.56 8.39
N ILE B 63 37.93 -2.62 7.72
CA ILE B 63 37.07 -3.77 7.47
C ILE B 63 37.03 -4.62 8.73
N VAL B 64 35.84 -4.83 9.30
CA VAL B 64 35.80 -5.53 10.58
C VAL B 64 35.59 -7.03 10.41
N ASN B 65 36.22 -7.80 11.30
CA ASN B 65 36.08 -9.25 11.32
C ASN B 65 36.32 -9.98 9.99
N PRO B 66 37.36 -9.60 9.22
CA PRO B 66 37.45 -10.29 7.93
C PRO B 66 37.78 -11.77 8.04
N ARG B 67 38.67 -12.12 8.96
CA ARG B 67 39.06 -13.52 9.09
C ARG B 67 37.91 -14.36 9.58
N SER B 68 37.14 -13.81 10.51
CA SER B 68 36.03 -14.53 11.11
C SER B 68 34.94 -14.75 10.09
N VAL B 69 34.64 -13.70 9.34
CA VAL B 69 33.62 -13.77 8.30
C VAL B 69 34.11 -14.68 7.18
N GLY B 70 35.40 -14.60 6.87
CA GLY B 70 35.98 -15.44 5.84
C GLY B 70 35.87 -16.92 6.21
N LEU B 71 36.27 -17.24 7.42
CA LEU B 71 36.28 -18.64 7.85
C LEU B 71 34.87 -19.20 8.05
N ALA B 72 33.99 -18.42 8.68
CA ALA B 72 32.60 -18.84 8.83
C ALA B 72 32.00 -19.12 7.46
N ASN B 73 32.30 -18.26 6.50
CA ASN B 73 31.79 -18.48 5.14
C ASN B 73 32.38 -19.70 4.47
N GLN B 74 33.66 -19.96 4.72
CA GLN B 74 34.30 -21.17 4.19
C GLN B 74 33.57 -22.40 4.73
N GLU B 75 33.29 -22.39 6.02
CA GLU B 75 32.59 -23.49 6.67
C GLU B 75 31.16 -23.65 6.18
N LEU B 76 30.46 -22.53 6.03
CA LEU B 76 29.09 -22.55 5.53
C LEU B 76 29.06 -23.10 4.10
N ALA B 77 30.00 -22.65 3.28
CA ALA B 77 30.04 -23.07 1.88
C ALA B 77 30.13 -24.58 1.77
N GLU B 78 30.91 -25.18 2.67
CA GLU B 78 31.05 -26.63 2.69
C GLU B 78 29.74 -27.32 2.99
N VAL B 79 29.00 -26.80 3.95
CA VAL B 79 27.70 -27.37 4.29
C VAL B 79 26.71 -27.22 3.15
N VAL B 80 26.69 -26.02 2.56
CA VAL B 80 25.77 -25.77 1.45
C VAL B 80 26.12 -26.65 0.27
N SER B 81 27.40 -26.74 -0.05
CA SER B 81 27.86 -27.61 -1.13
C SER B 81 27.38 -29.05 -0.93
N ARG B 82 27.53 -29.56 0.28
CA ARG B 82 27.14 -30.94 0.54
C ARG B 82 25.63 -31.11 0.38
N ALA B 83 24.87 -30.15 0.90
CA ALA B 83 23.41 -30.21 0.80
C ALA B 83 22.94 -30.22 -0.65
N VAL B 84 23.51 -29.32 -1.44
CA VAL B 84 23.12 -29.23 -2.84
C VAL B 84 23.53 -30.49 -3.59
N SER B 85 24.72 -31.00 -3.28
CA SER B 85 25.21 -32.21 -3.94
C SER B 85 24.33 -33.41 -3.60
N ASP B 86 23.74 -33.41 -2.41
CA ASP B 86 22.79 -34.46 -2.01
C ASP B 86 21.39 -34.24 -2.52
N GLY B 87 21.19 -33.19 -3.32
CA GLY B 87 19.93 -32.99 -4.02
C GLY B 87 18.90 -32.14 -3.29
N TYR B 88 19.33 -31.46 -2.24
CA TYR B 88 18.43 -30.57 -1.49
C TYR B 88 18.41 -29.16 -2.06
N SER B 89 17.22 -28.56 -2.12
CA SER B 89 17.15 -27.10 -2.23
C SER B 89 17.58 -26.57 -0.88
N CYS B 90 18.48 -25.61 -0.87
CA CYS B 90 19.15 -25.22 0.36
CA CYS B 90 19.15 -25.22 0.36
CA CYS B 90 19.21 -25.21 0.44
C CYS B 90 18.65 -23.89 0.92
N VAL B 91 17.99 -23.94 2.07
CA VAL B 91 17.54 -22.72 2.75
C VAL B 91 18.49 -22.35 3.87
N THR B 92 19.09 -21.16 3.78
CA THR B 92 19.96 -20.70 4.86
C THR B 92 19.32 -19.54 5.59
N LEU B 93 19.20 -19.68 6.91
CA LEU B 93 18.63 -18.63 7.75
C LEU B 93 19.73 -17.80 8.37
N GLY B 94 19.68 -16.48 8.17
CA GLY B 94 20.65 -15.58 8.75
C GLY B 94 20.10 -14.95 10.02
N GLY B 95 20.92 -14.18 10.74
CA GLY B 95 22.29 -13.90 10.32
C GLY B 95 22.39 -12.75 9.32
N ASP B 96 23.53 -12.08 9.31
CA ASP B 96 23.72 -10.95 8.40
C ASP B 96 24.06 -11.40 6.98
N HIS B 97 23.93 -10.48 6.03
CA HIS B 97 24.04 -10.84 4.61
C HIS B 97 25.45 -11.22 4.15
N SER B 98 26.46 -11.07 5.00
CA SER B 98 27.79 -11.55 4.60
C SER B 98 27.80 -13.07 4.38
N LEU B 99 26.80 -13.77 4.90
CA LEU B 99 26.72 -15.21 4.75
C LEU B 99 26.47 -15.63 3.30
N ALA B 100 25.99 -14.70 2.47
CA ALA B 100 25.78 -15.00 1.06
C ALA B 100 27.08 -15.32 0.35
N ILE B 101 28.20 -14.85 0.88
CA ILE B 101 29.50 -15.23 0.32
C ILE B 101 29.63 -16.74 0.39
N GLY B 102 29.33 -17.29 1.55
CA GLY B 102 29.41 -18.73 1.73
C GLY B 102 28.32 -19.52 1.01
N THR B 103 27.08 -19.08 1.10
CA THR B 103 26.02 -19.86 0.47
C THR B 103 26.16 -19.88 -1.05
N ILE B 104 26.50 -18.74 -1.63
CA ILE B 104 26.61 -18.71 -3.09
C ILE B 104 27.86 -19.48 -3.56
N SER B 105 28.96 -19.31 -2.84
CA SER B 105 30.18 -20.05 -3.16
C SER B 105 29.94 -21.55 -3.12
N GLY B 106 29.32 -22.01 -2.04
CA GLY B 106 29.01 -23.41 -1.87
C GLY B 106 28.04 -23.92 -2.92
N HIS B 107 27.02 -23.12 -3.22
CA HIS B 107 26.01 -23.46 -4.22
C HIS B 107 26.67 -23.59 -5.59
N ALA B 108 27.57 -22.66 -5.91
CA ALA B 108 28.21 -22.63 -7.21
C ALA B 108 29.13 -23.82 -7.45
N ARG B 109 29.56 -24.49 -6.40
CA ARG B 109 30.46 -25.63 -6.59
C ARG B 109 29.87 -26.75 -7.43
N HIS B 110 28.59 -27.03 -7.23
CA HIS B 110 27.91 -28.07 -8.00
C HIS B 110 26.99 -27.48 -9.06
N CYS B 111 26.70 -26.20 -8.93
CA CYS B 111 25.81 -25.54 -9.88
C CYS B 111 26.49 -24.30 -10.42
N PRO B 112 27.53 -24.50 -11.26
CA PRO B 112 28.34 -23.34 -11.66
C PRO B 112 27.60 -22.33 -12.53
N ASP B 113 26.51 -22.72 -13.18
CA ASP B 113 25.76 -21.80 -14.02
C ASP B 113 24.56 -21.19 -13.26
N LEU B 114 24.63 -21.18 -11.93
CA LEU B 114 23.53 -20.60 -11.14
C LEU B 114 23.38 -19.11 -11.45
N CYS B 115 22.17 -18.61 -11.23
CA CYS B 115 21.93 -17.17 -11.30
C CYS B 115 21.41 -16.70 -9.96
N VAL B 116 21.47 -15.40 -9.72
CA VAL B 116 21.14 -14.86 -8.41
C VAL B 116 20.06 -13.81 -8.53
N VAL B 117 18.99 -13.95 -7.74
CA VAL B 117 18.00 -12.89 -7.60
C VAL B 117 18.24 -12.34 -6.20
N TRP B 118 18.64 -11.07 -6.13
CA TRP B 118 19.07 -10.44 -4.89
C TRP B 118 18.00 -9.43 -4.49
N VAL B 119 17.20 -9.77 -3.48
CA VAL B 119 16.05 -8.94 -3.07
C VAL B 119 16.42 -8.18 -1.81
N ASP B 120 16.50 -6.86 -1.91
CA ASP B 120 17.22 -6.10 -0.88
C ASP B 120 16.94 -4.63 -1.09
N ALA B 121 16.96 -3.85 0.00
CA ALA B 121 16.96 -2.38 -0.10
C ALA B 121 18.30 -1.87 -0.64
N HIS B 122 19.34 -2.70 -0.47
CA HIS B 122 20.73 -2.31 -0.72
C HIS B 122 21.35 -3.21 -1.76
N ALA B 123 22.40 -2.72 -2.42
CA ALA B 123 23.06 -3.50 -3.46
C ALA B 123 24.14 -4.43 -2.91
N ASP B 124 24.62 -4.16 -1.71
CA ASP B 124 25.61 -5.01 -1.04
C ASP B 124 26.81 -5.30 -1.93
N ILE B 125 27.22 -4.30 -2.71
CA ILE B 125 28.24 -4.53 -3.73
C ILE B 125 29.43 -3.58 -3.57
N ASN B 126 29.53 -2.95 -2.40
CA ASN B 126 30.77 -2.24 -2.07
C ASN B 126 31.94 -3.23 -2.06
N THR B 127 33.12 -2.72 -2.37
CA THR B 127 34.34 -3.51 -2.26
C THR B 127 35.05 -3.04 -1.01
N PRO B 128 36.10 -3.75 -0.59
CA PRO B 128 36.91 -3.25 0.53
C PRO B 128 37.50 -1.86 0.27
N LEU B 129 37.56 -1.44 -0.99
CA LEU B 129 38.10 -0.14 -1.34
C LEU B 129 37.02 0.94 -1.46
N THR B 130 35.75 0.54 -1.46
CA THR B 130 34.66 1.52 -1.56
C THR B 130 33.76 1.59 -0.32
N THR B 131 33.80 0.57 0.53
CA THR B 131 32.92 0.59 1.70
C THR B 131 33.20 1.79 2.60
N SER B 132 32.15 2.44 3.07
CA SER B 132 32.31 3.55 4.00
C SER B 132 32.10 3.09 5.43
N SER B 133 31.61 1.86 5.58
CA SER B 133 31.27 1.33 6.90
C SER B 133 32.26 0.29 7.39
N GLY B 134 32.89 -0.43 6.46
CA GLY B 134 33.77 -1.52 6.82
C GLY B 134 33.01 -2.81 7.11
N ASN B 135 31.68 -2.76 6.96
CA ASN B 135 30.85 -3.93 7.30
C ASN B 135 30.71 -4.86 6.12
N LEU B 136 31.14 -6.11 6.31
CA LEU B 136 31.17 -7.05 5.19
C LEU B 136 29.79 -7.42 4.67
N HIS B 137 28.77 -7.21 5.47
CA HIS B 137 27.44 -7.47 4.98
C HIS B 137 26.97 -6.56 3.85
N GLY B 138 27.70 -5.50 3.64
CA GLY B 138 27.44 -4.56 2.56
C GLY B 138 28.41 -4.72 1.41
N GLN B 139 29.22 -5.76 1.47
CA GLN B 139 30.20 -6.07 0.43
C GLN B 139 30.10 -7.46 -0.26
N PRO B 140 29.13 -8.33 0.11
CA PRO B 140 29.33 -9.71 -0.33
C PRO B 140 29.36 -9.94 -1.84
N VAL B 141 28.57 -9.17 -2.59
CA VAL B 141 28.53 -9.38 -4.03
C VAL B 141 29.86 -9.06 -4.70
N SER B 142 30.63 -8.14 -4.10
CA SER B 142 31.92 -7.78 -4.69
C SER B 142 32.89 -8.96 -4.72
N PHE B 143 32.76 -9.87 -3.77
CA PHE B 143 33.67 -11.01 -3.73
C PHE B 143 33.27 -12.12 -4.69
N LEU B 144 32.04 -12.06 -5.18
CA LEU B 144 31.49 -13.15 -5.97
C LEU B 144 31.50 -12.90 -7.48
N LEU B 145 31.54 -11.63 -7.86
CA LEU B 145 31.41 -11.23 -9.27
C LEU B 145 32.76 -11.30 -10.02
N ARG B 146 32.80 -12.05 -11.07
CA ARG B 146 34.01 -12.21 -11.83
C ARG B 146 34.57 -10.89 -12.36
N GLU B 147 33.72 -10.06 -12.93
CA GLU B 147 34.17 -8.84 -13.56
C GLU B 147 34.83 -7.85 -12.60
N LEU B 148 34.56 -8.00 -11.31
CA LEU B 148 35.12 -7.09 -10.30
CA LEU B 148 35.03 -7.03 -10.33
C LEU B 148 36.32 -7.51 -9.66
N GLN B 149 36.99 -8.59 -10.04
CA GLN B 149 38.10 -9.16 -9.26
CA GLN B 149 38.08 -9.11 -9.24
C GLN B 149 39.42 -8.36 -9.24
N ASP B 150 39.73 -7.62 -10.30
CA ASP B 150 40.90 -6.74 -10.32
C ASP B 150 40.70 -5.52 -9.43
N LYS B 151 39.46 -5.31 -8.98
CA LYS B 151 39.16 -4.16 -8.16
C LYS B 151 38.93 -4.53 -6.69
N VAL B 152 39.06 -5.83 -6.40
CA VAL B 152 38.84 -6.33 -5.05
C VAL B 152 40.14 -6.87 -4.46
N PRO B 153 40.67 -6.19 -3.44
CA PRO B 153 41.90 -6.66 -2.77
C PRO B 153 41.65 -7.94 -2.01
N GLN B 154 42.72 -8.66 -1.71
CA GLN B 154 42.63 -9.94 -1.01
C GLN B 154 42.58 -9.73 0.50
N LEU B 155 41.47 -10.11 1.12
CA LEU B 155 41.30 -9.98 2.57
C LEU B 155 41.83 -11.23 3.24
N PRO B 156 42.39 -11.08 4.45
CA PRO B 156 42.78 -12.24 5.25
C PRO B 156 41.56 -13.09 5.56
N GLY B 157 41.66 -14.39 5.32
CA GLY B 157 40.54 -15.30 5.50
C GLY B 157 39.69 -15.49 4.25
N PHE B 158 40.03 -14.76 3.19
CA PHE B 158 39.22 -14.81 1.98
C PHE B 158 39.90 -15.53 0.80
N SER B 159 41.08 -16.10 1.02
CA SER B 159 41.85 -16.65 -0.12
C SER B 159 41.16 -17.85 -0.80
N TRP B 160 40.32 -18.57 -0.06
CA TRP B 160 39.60 -19.72 -0.60
C TRP B 160 38.54 -19.33 -1.63
N ILE B 161 38.15 -18.07 -1.63
CA ILE B 161 37.04 -17.63 -2.47
C ILE B 161 37.48 -17.45 -3.91
N LYS B 162 36.76 -18.07 -4.83
CA LYS B 162 36.89 -17.76 -6.24
C LYS B 162 35.59 -17.18 -6.76
N PRO B 163 35.66 -16.01 -7.39
CA PRO B 163 34.49 -15.38 -8.04
C PRO B 163 33.76 -16.40 -8.92
N CYS B 164 32.45 -16.52 -8.79
CA CYS B 164 31.72 -17.62 -9.42
C CYS B 164 30.53 -17.19 -10.24
N ILE B 165 30.30 -15.88 -10.29
CA ILE B 165 29.14 -15.33 -10.99
C ILE B 165 29.53 -14.15 -11.87
N SER B 166 28.96 -14.08 -13.07
CA SER B 166 29.18 -12.95 -13.94
C SER B 166 28.18 -11.84 -13.63
N SER B 167 28.50 -10.62 -14.04
CA SER B 167 27.63 -9.48 -13.80
C SER B 167 26.29 -9.60 -14.51
N ALA B 168 26.22 -10.43 -15.56
CA ALA B 168 24.96 -10.63 -16.27
C ALA B 168 24.10 -11.65 -15.53
N SER B 169 24.64 -12.22 -14.45
CA SER B 169 23.96 -13.35 -13.78
C SER B 169 23.35 -13.02 -12.42
N ILE B 170 23.28 -11.73 -12.10
CA ILE B 170 22.61 -11.29 -10.89
C ILE B 170 21.62 -10.18 -11.24
N VAL B 171 20.41 -10.27 -10.70
CA VAL B 171 19.44 -9.18 -10.84
C VAL B 171 18.99 -8.76 -9.45
N TYR B 172 19.02 -7.45 -9.19
CA TYR B 172 18.52 -6.91 -7.92
C TYR B 172 17.08 -6.51 -8.03
N ILE B 173 16.33 -6.70 -6.95
CA ILE B 173 14.96 -6.21 -6.86
C ILE B 173 14.76 -5.54 -5.52
N GLY B 174 14.32 -4.29 -5.53
CA GLY B 174 13.95 -3.58 -4.34
C GLY B 174 14.85 -2.45 -3.92
N LEU B 175 15.87 -2.17 -4.71
CA LEU B 175 16.92 -1.22 -4.32
C LEU B 175 16.40 0.18 -4.06
N ARG B 176 16.78 0.73 -2.91
CA ARG B 176 16.44 2.12 -2.58
C ARG B 176 17.47 2.85 -1.74
N ASP B 177 18.58 2.19 -1.42
CA ASP B 177 19.62 2.79 -0.56
C ASP B 177 20.96 2.33 -1.11
N VAL B 178 21.43 3.01 -2.15
CA VAL B 178 22.62 2.62 -2.88
C VAL B 178 23.73 3.67 -2.72
N ASP B 179 24.93 3.25 -2.32
CA ASP B 179 26.04 4.19 -2.13
C ASP B 179 26.55 4.64 -3.50
N PRO B 180 27.13 5.85 -3.58
CA PRO B 180 27.63 6.31 -4.89
C PRO B 180 28.61 5.34 -5.57
N PRO B 181 29.59 4.77 -4.82
CA PRO B 181 30.45 3.82 -5.56
C PRO B 181 29.69 2.60 -6.05
N GLU B 182 28.65 2.18 -5.32
CA GLU B 182 27.86 1.05 -5.76
C GLU B 182 27.12 1.38 -7.03
N HIS B 183 26.58 2.60 -7.10
CA HIS B 183 25.88 3.01 -8.31
C HIS B 183 26.83 2.99 -9.51
N PHE B 184 28.05 3.46 -9.28
CA PHE B 184 29.07 3.43 -10.32
C PHE B 184 29.28 1.98 -10.79
N ILE B 185 29.41 1.08 -9.82
CA ILE B 185 29.67 -0.33 -10.15
C ILE B 185 28.52 -0.92 -10.94
N LEU B 186 27.29 -0.68 -10.49
CA LEU B 186 26.13 -1.22 -11.20
C LEU B 186 26.08 -0.71 -12.63
N LYS B 187 26.36 0.57 -12.80
CA LYS B 187 26.35 1.19 -14.13
C LYS B 187 27.53 0.72 -14.99
N ASN B 188 28.73 0.76 -14.41
CA ASN B 188 29.93 0.43 -15.18
C ASN B 188 29.96 -1.01 -15.66
N TYR B 189 29.42 -1.93 -14.85
CA TYR B 189 29.44 -3.34 -15.22
C TYR B 189 28.09 -3.81 -15.79
N ASP B 190 27.19 -2.85 -16.01
CA ASP B 190 25.88 -3.11 -16.58
C ASP B 190 25.11 -4.19 -15.81
N ILE B 191 25.17 -4.10 -14.49
CA ILE B 191 24.42 -5.05 -13.64
C ILE B 191 22.98 -4.59 -13.59
N GLN B 192 22.06 -5.49 -13.89
CA GLN B 192 20.65 -5.14 -14.01
C GLN B 192 19.95 -5.10 -12.66
N TYR B 193 19.15 -4.07 -12.46
CA TYR B 193 18.43 -3.96 -11.19
C TYR B 193 17.07 -3.33 -11.39
N PHE B 194 16.15 -3.67 -10.50
CA PHE B 194 14.85 -3.01 -10.47
C PHE B 194 14.70 -2.36 -9.11
N SER B 195 14.92 -1.04 -9.06
CA SER B 195 14.81 -0.30 -7.81
C SER B 195 13.35 -0.15 -7.45
N MET B 196 13.06 0.40 -6.28
CA MET B 196 11.66 0.65 -5.92
C MET B 196 10.95 1.53 -6.95
N ARG B 197 11.70 2.48 -7.52
CA ARG B 197 11.19 3.32 -8.60
C ARG B 197 10.77 2.50 -9.82
N ASP B 198 11.60 1.54 -10.23
CA ASP B 198 11.26 0.66 -11.34
C ASP B 198 9.99 -0.13 -11.02
N ILE B 199 9.86 -0.55 -9.78
CA ILE B 199 8.66 -1.27 -9.38
C ILE B 199 7.44 -0.36 -9.44
N ASP B 200 7.58 0.87 -8.97
CA ASP B 200 6.48 1.84 -9.05
C ASP B 200 5.98 2.01 -10.49
N ARG B 201 6.91 1.97 -11.45
CA ARG B 201 6.61 2.20 -12.87
C ARG B 201 6.06 0.95 -13.55
N LEU B 202 6.76 -0.16 -13.36
CA LEU B 202 6.46 -1.40 -14.09
C LEU B 202 5.42 -2.25 -13.40
N GLY B 203 5.40 -2.19 -12.08
CA GLY B 203 4.60 -3.15 -11.33
C GLY B 203 5.39 -4.43 -11.12
N ILE B 204 5.12 -5.12 -10.03
CA ILE B 204 5.92 -6.30 -9.69
C ILE B 204 5.81 -7.45 -10.71
N GLN B 205 4.66 -7.58 -11.38
CA GLN B 205 4.53 -8.64 -12.38
C GLN B 205 5.55 -8.49 -13.50
N LYS B 206 5.62 -7.30 -14.09
CA LYS B 206 6.59 -7.05 -15.16
C LYS B 206 8.04 -7.13 -14.67
N VAL B 207 8.28 -6.70 -13.44
CA VAL B 207 9.61 -6.82 -12.86
C VAL B 207 10.08 -8.28 -12.83
N MET B 208 9.21 -9.18 -12.40
CA MET B 208 9.59 -10.59 -12.34
C MET B 208 9.76 -11.18 -13.75
N GLU B 209 8.86 -10.81 -14.66
CA GLU B 209 8.97 -11.25 -16.04
C GLU B 209 10.30 -10.85 -16.65
N ARG B 210 10.70 -9.60 -16.43
CA ARG B 210 11.95 -9.11 -17.00
C ARG B 210 13.16 -9.72 -16.32
N THR B 211 13.03 -9.95 -15.01
CA THR B 211 14.12 -10.58 -14.27
C THR B 211 14.44 -11.96 -14.84
N PHE B 212 13.40 -12.76 -15.04
CA PHE B 212 13.57 -14.11 -15.55
C PHE B 212 13.99 -14.11 -17.02
N ASP B 213 13.49 -13.15 -17.79
CA ASP B 213 13.97 -13.04 -19.17
CA ASP B 213 14.03 -13.02 -19.09
C ASP B 213 15.48 -12.78 -19.22
N LEU B 214 15.98 -11.92 -18.33
CA LEU B 214 17.41 -11.64 -18.24
C LEU B 214 18.24 -12.83 -17.79
N LEU B 215 17.71 -13.59 -16.85
CA LEU B 215 18.50 -14.65 -16.21
C LEU B 215 18.33 -16.00 -16.88
N ILE B 216 17.08 -16.36 -17.17
CA ILE B 216 16.78 -17.68 -17.73
C ILE B 216 15.95 -17.60 -18.99
N GLY B 217 16.05 -16.49 -19.72
CA GLY B 217 15.25 -16.36 -20.93
C GLY B 217 15.70 -17.35 -21.99
N LYS B 218 16.98 -17.71 -21.97
CA LYS B 218 17.51 -18.59 -23.02
C LYS B 218 17.95 -19.99 -22.59
N ARG B 219 18.18 -20.18 -21.30
CA ARG B 219 18.53 -21.50 -20.77
C ARG B 219 18.03 -21.62 -19.33
N GLN B 220 17.71 -22.85 -18.91
CA GLN B 220 17.34 -23.10 -17.52
C GLN B 220 18.58 -23.08 -16.65
N ARG B 221 18.45 -22.44 -15.49
CA ARG B 221 19.56 -22.33 -14.55
C ARG B 221 19.02 -22.48 -13.13
N PRO B 222 19.82 -23.08 -12.24
CA PRO B 222 19.40 -23.10 -10.83
C PRO B 222 19.36 -21.67 -10.33
N ILE B 223 18.34 -21.33 -9.55
CA ILE B 223 18.20 -19.97 -9.05
C ILE B 223 18.62 -19.94 -7.59
N HIS B 224 19.44 -18.94 -7.25
CA HIS B 224 19.78 -18.64 -5.87
C HIS B 224 19.05 -17.36 -5.48
N LEU B 225 18.07 -17.48 -4.59
CA LEU B 225 17.34 -16.30 -4.10
C LEU B 225 17.97 -15.81 -2.82
N SER B 226 18.60 -14.63 -2.87
CA SER B 226 19.17 -14.07 -1.64
C SER B 226 18.26 -12.95 -1.19
N PHE B 227 17.51 -13.20 -0.13
CA PHE B 227 16.43 -12.30 0.27
C PHE B 227 16.76 -11.66 1.61
N ASP B 228 17.06 -10.36 1.56
CA ASP B 228 17.31 -9.55 2.75
C ASP B 228 15.95 -9.04 3.20
N ILE B 229 15.56 -9.37 4.43
CA ILE B 229 14.26 -8.96 4.94
C ILE B 229 14.04 -7.44 4.85
N ASP B 230 15.11 -6.65 4.84
CA ASP B 230 14.98 -5.18 4.74
C ASP B 230 14.51 -4.72 3.36
N ALA B 231 14.31 -5.66 2.44
CA ALA B 231 13.67 -5.31 1.17
C ALA B 231 12.24 -4.82 1.44
N PHE B 232 11.62 -5.39 2.46
CA PHE B 232 10.27 -5.02 2.84
C PHE B 232 10.25 -3.66 3.50
N ASP B 233 9.15 -2.94 3.34
CA ASP B 233 8.97 -1.71 4.09
C ASP B 233 9.15 -1.96 5.60
N PRO B 234 9.83 -1.03 6.29
CA PRO B 234 10.07 -1.15 7.74
C PRO B 234 8.78 -1.29 8.54
N THR B 235 7.64 -0.83 8.02
CA THR B 235 6.39 -1.05 8.73
C THR B 235 6.05 -2.54 8.81
N LEU B 236 6.54 -3.32 7.84
CA LEU B 236 6.28 -4.76 7.79
C LEU B 236 7.41 -5.57 8.41
N ALA B 237 8.64 -5.09 8.26
CA ALA B 237 9.82 -5.78 8.76
C ALA B 237 10.67 -4.86 9.61
N PRO B 238 10.16 -4.47 10.78
CA PRO B 238 10.92 -3.50 11.57
C PRO B 238 12.17 -4.09 12.21
N ALA B 239 12.15 -5.39 12.46
CA ALA B 239 13.24 -6.02 13.20
C ALA B 239 14.41 -6.36 12.28
N THR B 240 15.16 -5.33 11.90
CA THR B 240 16.29 -5.48 11.01
C THR B 240 17.24 -4.31 11.19
N GLY B 241 18.51 -4.52 10.84
CA GLY B 241 19.58 -3.59 11.16
C GLY B 241 19.65 -2.30 10.37
N THR B 242 19.24 -2.35 9.10
N THR B 242 19.23 -2.35 9.11
CA THR B 242 19.31 -1.17 8.25
CA THR B 242 19.32 -1.17 8.24
C THR B 242 18.01 -0.94 7.49
C THR B 242 18.01 -0.95 7.49
N PRO B 243 16.95 -0.55 8.21
CA PRO B 243 15.63 -0.35 7.62
C PRO B 243 15.67 0.89 6.74
N VAL B 244 14.96 0.86 5.63
CA VAL B 244 14.89 2.02 4.73
C VAL B 244 13.44 2.21 4.35
N VAL B 245 12.91 3.40 4.57
CA VAL B 245 11.52 3.65 4.22
C VAL B 245 11.23 3.41 2.73
N GLY B 246 9.99 3.06 2.45
CA GLY B 246 9.48 2.95 1.08
C GLY B 246 9.79 1.62 0.41
N GLY B 247 9.62 0.53 1.15
CA GLY B 247 9.96 -0.79 0.64
C GLY B 247 8.84 -1.57 0.01
N LEU B 248 9.11 -2.84 -0.28
CA LEU B 248 8.13 -3.74 -0.84
C LEU B 248 6.94 -3.85 0.09
N THR B 249 5.75 -3.96 -0.49
CA THR B 249 4.58 -4.31 0.31
C THR B 249 4.59 -5.82 0.56
N TYR B 250 3.75 -6.25 1.48
CA TYR B 250 3.60 -7.66 1.75
C TYR B 250 3.26 -8.42 0.47
N ARG B 251 2.27 -7.91 -0.25
CA ARG B 251 1.81 -8.55 -1.49
C ARG B 251 2.91 -8.64 -2.54
N GLU B 252 3.72 -7.59 -2.68
CA GLU B 252 4.83 -7.62 -3.62
C GLU B 252 5.85 -8.69 -3.25
N GLY B 253 6.20 -8.77 -1.96
CA GLY B 253 7.12 -9.78 -1.48
C GLY B 253 6.62 -11.18 -1.77
N MET B 254 5.34 -11.41 -1.48
CA MET B 254 4.74 -12.71 -1.79
C MET B 254 4.76 -12.99 -3.30
N TYR B 255 4.49 -11.97 -4.11
CA TYR B 255 4.49 -12.16 -5.56
C TYR B 255 5.88 -12.57 -6.06
N ILE B 256 6.91 -11.89 -5.57
CA ILE B 256 8.28 -12.27 -5.92
C ILE B 256 8.54 -13.74 -5.62
N ALA B 257 8.21 -14.13 -4.40
CA ALA B 257 8.46 -15.50 -3.95
C ALA B 257 7.66 -16.50 -4.78
N GLU B 258 6.40 -16.16 -5.06
CA GLU B 258 5.55 -17.01 -5.90
C GLU B 258 6.16 -17.23 -7.27
N GLU B 259 6.66 -16.15 -7.88
CA GLU B 259 7.24 -16.26 -9.21
C GLU B 259 8.53 -17.09 -9.20
N ILE B 260 9.33 -16.92 -8.14
CA ILE B 260 10.49 -17.78 -7.93
C ILE B 260 10.04 -19.25 -7.89
N HIS B 261 9.03 -19.55 -7.09
CA HIS B 261 8.53 -20.92 -7.04
C HIS B 261 8.07 -21.39 -8.42
N ASN B 262 7.37 -20.52 -9.14
CA ASN B 262 6.76 -20.93 -10.41
C ASN B 262 7.78 -21.25 -11.48
N THR B 263 9.02 -20.80 -11.33
CA THR B 263 10.06 -21.16 -12.30
C THR B 263 10.40 -22.64 -12.22
N GLY B 264 10.17 -23.23 -11.05
CA GLY B 264 10.59 -24.60 -10.79
C GLY B 264 12.09 -24.76 -10.66
N LEU B 265 12.83 -23.65 -10.57
CA LEU B 265 14.30 -23.68 -10.57
C LEU B 265 14.97 -23.25 -9.27
N LEU B 266 14.20 -22.94 -8.24
CA LEU B 266 14.81 -22.51 -6.99
C LEU B 266 15.70 -23.61 -6.44
N SER B 267 16.96 -23.27 -6.20
CA SER B 267 17.95 -24.26 -5.76
C SER B 267 18.53 -23.90 -4.40
N ALA B 268 18.59 -22.61 -4.10
CA ALA B 268 19.02 -22.18 -2.78
C ALA B 268 18.37 -20.86 -2.43
N LEU B 269 18.16 -20.64 -1.14
CA LEU B 269 17.51 -19.42 -0.70
C LEU B 269 18.19 -18.96 0.58
N ASP B 270 18.54 -17.67 0.64
CA ASP B 270 19.01 -17.08 1.88
C ASP B 270 17.89 -16.21 2.41
N LEU B 271 17.59 -16.26 3.70
CA LEU B 271 16.67 -15.30 4.33
C LEU B 271 17.44 -14.62 5.43
N VAL B 272 17.93 -13.43 5.16
CA VAL B 272 18.91 -12.80 6.04
C VAL B 272 18.42 -11.50 6.69
N GLU B 273 19.15 -11.11 7.73
CA GLU B 273 19.05 -9.81 8.41
C GLU B 273 17.85 -9.61 9.34
N VAL B 274 17.14 -10.69 9.65
CA VAL B 274 16.16 -10.62 10.73
C VAL B 274 16.88 -10.50 12.07
N ASN B 275 16.67 -9.39 12.76
CA ASN B 275 17.32 -9.15 14.06
C ASN B 275 16.26 -8.84 15.09
N PRO B 276 15.83 -9.88 15.83
CA PRO B 276 14.70 -9.71 16.75
C PRO B 276 15.01 -8.73 17.87
N GLN B 277 16.29 -8.53 18.20
CA GLN B 277 16.65 -7.62 19.26
C GLN B 277 16.39 -6.15 18.91
N LEU B 278 16.20 -5.84 17.63
CA LEU B 278 16.01 -4.45 17.23
C LEU B 278 14.55 -4.03 17.19
N ALA B 279 13.66 -4.99 17.39
CA ALA B 279 12.24 -4.72 17.49
C ALA B 279 11.98 -3.95 18.79
N THR B 280 11.04 -3.01 18.76
CA THR B 280 10.69 -2.22 19.95
C THR B 280 9.69 -2.98 20.84
N SER B 281 9.08 -4.01 20.27
CA SER B 281 8.13 -4.83 21.00
C SER B 281 8.27 -6.25 20.52
N GLU B 282 7.82 -7.20 21.32
CA GLU B 282 7.85 -8.54 20.89
C GLU B 282 6.98 -8.78 19.67
N GLU B 283 5.88 -8.10 19.62
CA GLU B 283 5.04 -8.19 18.42
C GLU B 283 5.82 -7.80 17.16
N GLU B 284 6.61 -6.73 17.25
CA GLU B 284 7.43 -6.31 16.10
C GLU B 284 8.41 -7.42 15.69
N ALA B 285 8.96 -8.10 16.68
CA ALA B 285 9.91 -9.19 16.40
C ALA B 285 9.16 -10.33 15.74
N LYS B 286 8.02 -10.70 16.30
CA LYS B 286 7.27 -11.81 15.75
C LYS B 286 6.71 -11.55 14.36
N THR B 287 6.24 -10.36 14.07
CA THR B 287 5.70 -10.08 12.74
CA THR B 287 5.71 -10.08 12.73
C THR B 287 6.83 -10.17 11.71
N THR B 288 8.02 -9.73 12.09
CA THR B 288 9.16 -9.79 11.17
C THR B 288 9.52 -11.25 10.87
N ALA B 289 9.54 -12.07 11.92
CA ALA B 289 9.82 -13.50 11.76
C ALA B 289 8.73 -14.20 10.98
N ASN B 290 7.47 -13.87 11.27
CA ASN B 290 6.35 -14.42 10.54
C ASN B 290 6.47 -14.07 9.06
N LEU B 291 6.91 -12.86 8.77
CA LEU B 291 7.08 -12.42 7.38
C LEU B 291 8.17 -13.24 6.69
N ALA B 292 9.27 -13.49 7.39
CA ALA B 292 10.34 -14.32 6.85
C ALA B 292 9.84 -15.71 6.47
N VAL B 293 9.05 -16.30 7.37
CA VAL B 293 8.48 -17.61 7.10
C VAL B 293 7.54 -17.57 5.88
N ASP B 294 6.70 -16.53 5.77
CA ASP B 294 5.84 -16.38 4.60
C ASP B 294 6.63 -16.33 3.28
N VAL B 295 7.74 -15.61 3.28
CA VAL B 295 8.60 -15.55 2.10
C VAL B 295 9.15 -16.92 1.73
N ILE B 296 9.69 -17.62 2.72
CA ILE B 296 10.27 -18.93 2.46
C ILE B 296 9.21 -19.91 1.98
N ALA B 297 8.06 -19.92 2.67
CA ALA B 297 6.97 -20.83 2.29
C ALA B 297 6.45 -20.54 0.89
N SER B 298 6.31 -19.27 0.54
CA SER B 298 5.82 -18.94 -0.79
CA SER B 298 5.83 -18.92 -0.78
C SER B 298 6.86 -19.31 -1.85
N SER B 299 8.13 -19.22 -1.50
CA SER B 299 9.20 -19.60 -2.41
C SER B 299 9.18 -21.10 -2.70
N PHE B 300 8.56 -21.86 -1.81
CA PHE B 300 8.45 -23.30 -1.99
C PHE B 300 7.04 -23.78 -2.26
N GLY B 301 6.15 -22.87 -2.62
CA GLY B 301 4.89 -23.28 -3.19
C GLY B 301 3.64 -22.85 -2.49
N GLN B 302 3.75 -22.15 -1.36
CA GLN B 302 2.53 -21.65 -0.75
C GLN B 302 1.91 -20.64 -1.69
N THR B 303 0.62 -20.82 -1.98
CA THR B 303 -0.13 -19.92 -2.87
C THR B 303 -1.15 -19.10 -2.08
N ARG B 304 -1.69 -18.07 -2.68
CA ARG B 304 -2.78 -17.32 -2.08
C ARG B 304 -4.13 -17.72 -2.68
N GLU B 305 -4.16 -18.84 -3.39
CA GLU B 305 -5.34 -19.37 -4.10
CA GLU B 305 -5.38 -19.36 -4.00
C GLU B 305 -5.76 -20.83 -3.71
N GLY B 306 -5.05 -21.42 -2.76
CA GLY B 306 -5.38 -22.77 -2.34
C GLY B 306 -4.78 -23.83 -3.25
N HIS C 1 -33.39 7.59 -5.59
CA HIS C 1 -33.21 6.14 -5.59
C HIS C 1 -33.68 5.60 -4.25
N SER C 2 -34.24 4.39 -4.24
CA SER C 2 -34.76 3.85 -2.98
C SER C 2 -33.91 2.71 -2.44
N VAL C 3 -33.51 2.83 -1.18
CA VAL C 3 -32.64 1.85 -0.55
C VAL C 3 -33.29 1.35 0.73
N ALA C 4 -33.39 0.04 0.87
CA ALA C 4 -33.84 -0.56 2.11
C ALA C 4 -32.64 -0.99 2.93
N VAL C 5 -32.67 -0.74 4.23
CA VAL C 5 -31.59 -1.18 5.11
C VAL C 5 -32.11 -2.18 6.11
N ILE C 6 -31.48 -3.35 6.13
CA ILE C 6 -31.89 -4.44 6.99
C ILE C 6 -30.73 -4.87 7.86
N GLY C 7 -30.93 -4.81 9.17
CA GLY C 7 -29.93 -5.32 10.09
C GLY C 7 -30.19 -6.80 10.29
N ALA C 8 -29.18 -7.62 10.05
CA ALA C 8 -29.31 -9.06 10.21
C ALA C 8 -28.26 -9.53 11.19
N PRO C 9 -28.55 -9.40 12.49
CA PRO C 9 -27.54 -9.67 13.51
C PRO C 9 -27.27 -11.17 13.68
N PHE C 10 -26.89 -11.83 12.59
CA PHE C 10 -26.53 -13.24 12.54
CA PHE C 10 -26.69 -13.24 12.86
C PHE C 10 -25.24 -13.50 13.27
N SER C 11 -25.14 -14.49 14.15
CA SER C 11 -23.84 -14.92 14.68
C SER C 11 -23.67 -16.44 14.62
N GLN C 12 -24.75 -17.16 14.38
CA GLN C 12 -24.71 -18.62 14.52
C GLN C 12 -24.11 -19.37 13.32
N GLY C 13 -23.74 -18.62 12.30
CA GLY C 13 -22.98 -19.16 11.18
C GLY C 13 -21.53 -19.38 11.53
N GLN C 14 -21.13 -18.98 12.73
CA GLN C 14 -19.75 -19.15 13.17
C GLN C 14 -19.68 -19.21 14.70
N LYS C 15 -18.48 -19.20 15.27
CA LYS C 15 -18.33 -19.50 16.70
C LYS C 15 -17.89 -18.32 17.57
N ARG C 16 -17.55 -17.21 16.96
CA ARG C 16 -17.03 -16.05 17.71
C ARG C 16 -18.16 -15.12 18.11
N LYS C 17 -18.21 -14.77 19.40
CA LYS C 17 -19.25 -13.87 19.88
C LYS C 17 -18.99 -12.45 19.39
N GLY C 18 -20.06 -11.73 19.04
CA GLY C 18 -19.97 -10.30 18.82
C GLY C 18 -20.36 -9.80 17.44
N VAL C 19 -20.31 -10.67 16.44
CA VAL C 19 -20.63 -10.27 15.08
C VAL C 19 -22.11 -9.86 14.95
N GLU C 20 -22.93 -10.29 15.91
CA GLU C 20 -24.33 -9.85 15.92
C GLU C 20 -24.43 -8.34 16.19
N HIS C 21 -23.35 -7.75 16.68
CA HIS C 21 -23.35 -6.30 16.94
C HIS C 21 -22.84 -5.48 15.76
N GLY C 22 -22.48 -6.15 14.67
CA GLY C 22 -22.09 -5.47 13.44
C GLY C 22 -23.06 -4.44 12.91
N PRO C 23 -24.35 -4.81 12.78
CA PRO C 23 -25.28 -3.82 12.24
C PRO C 23 -25.33 -2.55 13.07
N ALA C 24 -25.35 -2.70 14.38
CA ALA C 24 -25.38 -1.53 15.26
C ALA C 24 -24.12 -0.69 15.10
N ALA C 25 -22.98 -1.35 15.01
CA ALA C 25 -21.71 -0.63 14.83
C ALA C 25 -21.70 0.16 13.52
N ILE C 26 -22.24 -0.43 12.46
CA ILE C 26 -22.29 0.23 11.17
C ILE C 26 -23.26 1.41 11.21
N ARG C 27 -24.40 1.23 11.86
CA ARG C 27 -25.34 2.33 12.03
C ARG C 27 -24.71 3.47 12.83
N GLU C 28 -24.02 3.10 13.91
CA GLU C 28 -23.38 4.10 14.77
C GLU C 28 -22.32 4.88 14.00
N ALA C 29 -21.74 4.25 12.98
CA ALA C 29 -20.72 4.91 12.16
C ALA C 29 -21.32 5.90 11.16
N GLY C 30 -22.64 6.04 11.20
CA GLY C 30 -23.30 7.07 10.43
C GLY C 30 -23.85 6.64 9.07
N LEU C 31 -24.14 5.34 8.93
CA LEU C 31 -24.63 4.84 7.64
C LEU C 31 -25.84 5.59 7.08
N MET C 32 -26.88 5.79 7.90
CA MET C 32 -28.12 6.35 7.33
C MET C 32 -27.92 7.77 6.82
N LYS C 33 -27.20 8.59 7.56
CA LYS C 33 -26.96 9.96 7.10
C LYS C 33 -26.13 9.94 5.83
N ARG C 34 -25.14 9.10 5.78
CA ARG C 34 -24.31 9.02 4.57
C ARG C 34 -25.15 8.67 3.33
N LEU C 35 -26.04 7.72 3.47
CA LEU C 35 -26.88 7.32 2.35
C LEU C 35 -27.86 8.43 1.98
N SER C 36 -28.46 9.08 2.98
CA SER C 36 -29.38 10.19 2.72
CA SER C 36 -29.37 10.18 2.73
C SER C 36 -28.69 11.29 1.95
N SER C 37 -27.45 11.60 2.35
CA SER C 37 -26.67 12.65 1.72
C SER C 37 -26.40 12.37 0.24
N LEU C 38 -26.42 11.10 -0.13
CA LEU C 38 -26.23 10.73 -1.54
C LEU C 38 -27.53 10.80 -2.33
N GLY C 39 -28.62 11.11 -1.63
CA GLY C 39 -29.92 11.21 -2.30
C GLY C 39 -30.75 9.95 -2.21
N CYS C 40 -30.34 9.02 -1.34
CA CYS C 40 -31.12 7.79 -1.16
C CYS C 40 -32.35 8.04 -0.30
N HIS C 41 -33.50 7.60 -0.79
CA HIS C 41 -34.71 7.51 0.03
C HIS C 41 -34.64 6.20 0.80
N LEU C 42 -34.78 6.27 2.12
CA LEU C 42 -34.47 5.12 2.95
C LEU C 42 -35.67 4.49 3.62
N LYS C 43 -35.70 3.15 3.58
CA LYS C 43 -36.63 2.40 4.41
C LYS C 43 -35.77 1.58 5.34
N ASP C 44 -35.84 1.89 6.62
CA ASP C 44 -35.06 1.18 7.62
C ASP C 44 -35.92 0.10 8.25
N PHE C 45 -35.52 -1.16 8.05
CA PHE C 45 -36.23 -2.28 8.65
C PHE C 45 -35.77 -2.53 10.08
N GLY C 46 -34.79 -1.76 10.52
CA GLY C 46 -34.19 -1.97 11.82
C GLY C 46 -33.42 -3.28 11.83
N ASP C 47 -33.12 -3.78 13.02
CA ASP C 47 -32.46 -5.07 13.16
C ASP C 47 -33.50 -6.16 13.38
N LEU C 48 -33.50 -7.15 12.50
CA LEU C 48 -34.45 -8.25 12.60
C LEU C 48 -34.19 -9.13 13.83
N SER C 49 -35.26 -9.68 14.38
CA SER C 49 -35.15 -10.67 15.45
C SER C 49 -35.50 -12.01 14.85
N PHE C 50 -34.54 -12.93 14.83
CA PHE C 50 -34.79 -14.22 14.21
C PHE C 50 -35.33 -15.24 15.21
N THR C 51 -36.21 -16.11 14.73
CA THR C 51 -36.83 -17.11 15.58
C THR C 51 -35.80 -18.15 16.00
N PRO C 52 -35.61 -18.32 17.32
CA PRO C 52 -34.66 -19.34 17.76
C PRO C 52 -35.21 -20.74 17.53
N VAL C 53 -34.30 -21.71 17.49
CA VAL C 53 -34.69 -23.10 17.35
C VAL C 53 -34.14 -23.84 18.56
N PRO C 54 -35.03 -24.41 19.38
CA PRO C 54 -34.56 -25.13 20.56
C PRO C 54 -33.79 -26.38 20.15
N LYS C 55 -32.76 -26.74 20.91
CA LYS C 55 -32.07 -28.02 20.73
C LYS C 55 -31.56 -28.15 19.30
N ASP C 56 -30.91 -27.10 18.82
CA ASP C 56 -30.40 -27.10 17.46
C ASP C 56 -29.05 -27.78 17.48
N ASP C 57 -29.08 -29.09 17.72
CA ASP C 57 -27.88 -29.91 17.79
C ASP C 57 -27.08 -29.88 16.49
N LEU C 58 -25.78 -30.16 16.63
CA LEU C 58 -24.90 -30.29 15.49
C LEU C 58 -25.51 -31.22 14.48
N TYR C 59 -25.28 -30.92 13.22
CA TYR C 59 -25.59 -31.87 12.17
C TYR C 59 -24.34 -32.67 11.90
N ASN C 60 -24.49 -33.97 11.88
CA ASN C 60 -23.40 -34.84 11.60
C ASN C 60 -22.21 -34.67 12.56
N ASN C 61 -22.48 -34.36 13.79
CA ASN C 61 -21.43 -34.09 14.78
C ASN C 61 -20.44 -32.97 14.42
N LEU C 62 -20.78 -32.19 13.40
CA LEU C 62 -19.87 -31.15 12.93
C LEU C 62 -20.47 -29.79 12.60
N ILE C 63 -21.58 -29.78 11.87
CA ILE C 63 -22.16 -28.54 11.37
C ILE C 63 -22.94 -27.87 12.48
N VAL C 64 -22.56 -26.65 12.81
CA VAL C 64 -23.14 -25.99 13.98
C VAL C 64 -24.36 -25.13 13.63
N ASN C 65 -25.34 -25.16 14.54
CA ASN C 65 -26.57 -24.38 14.44
C ASN C 65 -27.29 -24.43 13.09
N PRO C 66 -27.43 -25.62 12.48
CA PRO C 66 -28.00 -25.62 11.12
C PRO C 66 -29.46 -25.16 11.06
N ARG C 67 -30.27 -25.58 12.03
CA ARG C 67 -31.67 -25.17 12.01
C ARG C 67 -31.83 -23.68 12.25
N SER C 68 -30.98 -23.12 13.11
CA SER C 68 -31.07 -21.71 13.44
C SER C 68 -30.69 -20.90 12.22
N VAL C 69 -29.60 -21.30 11.57
CA VAL C 69 -29.12 -20.62 10.38
C VAL C 69 -30.11 -20.78 9.23
N GLY C 70 -30.67 -21.98 9.09
CA GLY C 70 -31.64 -22.24 8.05
C GLY C 70 -32.87 -21.38 8.21
N LEU C 71 -33.39 -21.33 9.43
CA LEU C 71 -34.62 -20.60 9.70
C LEU C 71 -34.40 -19.10 9.65
N ALA C 72 -33.31 -18.62 10.24
CA ALA C 72 -33.02 -17.18 10.17
C ALA C 72 -32.91 -16.75 8.71
N ASN C 73 -32.24 -17.55 7.90
CA ASN C 73 -32.13 -17.23 6.47
C ASN C 73 -33.44 -17.29 5.72
N GLN C 74 -34.30 -18.24 6.09
CA GLN C 74 -35.62 -18.29 5.47
C GLN C 74 -36.38 -17.01 5.76
N GLU C 75 -36.30 -16.57 7.01
CA GLU C 75 -36.98 -15.35 7.43
C GLU C 75 -36.39 -14.12 6.75
N LEU C 76 -35.06 -14.08 6.67
CA LEU C 76 -34.38 -12.97 6.01
C LEU C 76 -34.76 -12.88 4.53
N ALA C 77 -34.80 -14.03 3.86
CA ALA C 77 -35.13 -14.08 2.44
C ALA C 77 -36.49 -13.47 2.17
N GLU C 78 -37.42 -13.71 3.07
CA GLU C 78 -38.77 -13.15 2.94
C GLU C 78 -38.72 -11.62 3.00
N VAL C 79 -37.93 -11.09 3.93
CA VAL C 79 -37.82 -9.64 4.06
C VAL C 79 -37.14 -9.04 2.83
N VAL C 80 -36.06 -9.68 2.39
CA VAL C 80 -35.33 -9.22 1.20
C VAL C 80 -36.22 -9.29 -0.04
N SER C 81 -36.91 -10.41 -0.20
CA SER C 81 -37.84 -10.58 -1.32
C SER C 81 -38.87 -9.47 -1.31
N ARG C 82 -39.42 -9.17 -0.15
CA ARG C 82 -40.43 -8.13 -0.06
C ARG C 82 -39.87 -6.75 -0.43
N ALA C 83 -38.69 -6.42 0.09
CA ALA C 83 -38.06 -5.13 -0.17
C ALA C 83 -37.74 -4.92 -1.65
N VAL C 84 -37.15 -5.94 -2.27
CA VAL C 84 -36.78 -5.87 -3.67
C VAL C 84 -38.04 -5.76 -4.54
N SER C 85 -39.08 -6.48 -4.18
CA SER C 85 -40.33 -6.42 -4.93
C SER C 85 -41.02 -5.07 -4.82
N ASP C 86 -40.80 -4.39 -3.69
CA ASP C 86 -41.32 -3.03 -3.50
C ASP C 86 -40.42 -1.99 -4.15
N GLY C 87 -39.37 -2.44 -4.84
CA GLY C 87 -38.54 -1.54 -5.64
C GLY C 87 -37.31 -0.98 -4.95
N TYR C 88 -36.93 -1.56 -3.80
CA TYR C 88 -35.74 -1.10 -3.09
C TYR C 88 -34.47 -1.83 -3.51
N SER C 89 -33.36 -1.10 -3.60
CA SER C 89 -32.04 -1.69 -3.57
C SER C 89 -31.85 -2.11 -2.13
N CYS C 90 -31.45 -3.35 -1.91
CA CYS C 90 -31.51 -3.93 -0.57
CA CYS C 90 -31.51 -3.93 -0.57
CA CYS C 90 -31.45 -3.92 -0.49
C CYS C 90 -30.12 -4.06 0.09
N VAL C 91 -29.90 -3.26 1.13
CA VAL C 91 -28.64 -3.33 1.90
C VAL C 91 -28.85 -4.15 3.17
N THR C 92 -28.13 -5.25 3.30
CA THR C 92 -28.20 -6.06 4.50
C THR C 92 -26.90 -5.97 5.29
N LEU C 93 -27.04 -5.59 6.55
CA LEU C 93 -25.90 -5.47 7.46
C LEU C 93 -25.79 -6.72 8.33
N GLY C 94 -24.62 -7.36 8.30
CA GLY C 94 -24.36 -8.53 9.12
C GLY C 94 -23.61 -8.15 10.38
N GLY C 95 -23.39 -9.11 11.28
CA GLY C 95 -23.79 -10.49 11.06
C GLY C 95 -22.81 -11.28 10.24
N ASP C 96 -22.77 -12.60 10.45
CA ASP C 96 -21.84 -13.44 9.70
C ASP C 96 -22.34 -13.75 8.28
N HIS C 97 -21.43 -14.25 7.47
CA HIS C 97 -21.70 -14.40 6.04
C HIS C 97 -22.71 -15.49 5.67
N SER C 98 -23.13 -16.30 6.64
CA SER C 98 -24.15 -17.30 6.34
C SER C 98 -25.46 -16.62 5.92
N LEU C 99 -25.60 -15.35 6.27
CA LEU C 99 -26.82 -14.63 5.90
C LEU C 99 -26.96 -14.43 4.38
N ALA C 100 -25.86 -14.61 3.64
CA ALA C 100 -25.95 -14.48 2.19
C ALA C 100 -26.85 -15.56 1.59
N ILE C 101 -27.00 -16.69 2.29
CA ILE C 101 -27.96 -17.70 1.82
C ILE C 101 -29.33 -17.05 1.70
N GLY C 102 -29.74 -16.33 2.74
CA GLY C 102 -31.03 -15.66 2.72
C GLY C 102 -31.12 -14.45 1.81
N THR C 103 -30.11 -13.59 1.79
CA THR C 103 -30.22 -12.39 0.94
C THR C 103 -30.21 -12.75 -0.54
N ILE C 104 -29.36 -13.68 -0.94
CA ILE C 104 -29.30 -14.03 -2.35
C ILE C 104 -30.55 -14.81 -2.77
N SER C 105 -31.05 -15.70 -1.91
CA SER C 105 -32.30 -16.42 -2.18
C SER C 105 -33.48 -15.46 -2.32
N GLY C 106 -33.62 -14.54 -1.38
CA GLY C 106 -34.70 -13.57 -1.41
C GLY C 106 -34.60 -12.68 -2.64
N HIS C 107 -33.38 -12.25 -2.96
CA HIS C 107 -33.11 -11.41 -4.12
C HIS C 107 -33.45 -12.16 -5.42
N ALA C 108 -33.04 -13.42 -5.50
CA ALA C 108 -33.24 -14.20 -6.72
C ALA C 108 -34.70 -14.50 -7.00
N ARG C 109 -35.52 -14.44 -5.96
CA ARG C 109 -36.95 -14.73 -6.09
C ARG C 109 -37.67 -13.78 -7.05
N HIS C 110 -37.30 -12.50 -7.01
CA HIS C 110 -37.87 -11.48 -7.88
C HIS C 110 -36.95 -11.00 -8.97
N CYS C 111 -35.88 -11.73 -9.02
CA CYS C 111 -34.68 -11.30 -9.71
C CYS C 111 -33.84 -12.50 -10.15
N PRO C 112 -34.43 -13.37 -10.95
CA PRO C 112 -33.75 -14.65 -11.19
C PRO C 112 -32.48 -14.55 -12.04
N ASP C 113 -32.34 -13.47 -12.81
CA ASP C 113 -31.17 -13.33 -13.64
C ASP C 113 -30.08 -12.51 -12.94
N LEU C 114 -30.13 -12.43 -11.62
CA LEU C 114 -29.12 -11.68 -10.87
C LEU C 114 -27.72 -12.29 -11.05
N CYS C 115 -26.68 -11.48 -10.88
CA CYS C 115 -25.33 -12.01 -10.81
C CYS C 115 -24.72 -11.57 -9.48
N VAL C 116 -23.64 -12.23 -9.08
CA VAL C 116 -23.07 -12.00 -7.76
C VAL C 116 -21.60 -11.64 -7.84
N VAL C 117 -21.24 -10.53 -7.20
CA VAL C 117 -19.84 -10.19 -6.99
C VAL C 117 -19.55 -10.43 -5.51
N TRP C 118 -18.66 -11.38 -5.25
CA TRP C 118 -18.38 -11.85 -3.90
C TRP C 118 -16.99 -11.35 -3.53
N VAL C 119 -16.93 -10.34 -2.66
CA VAL C 119 -15.66 -9.71 -2.29
C VAL C 119 -15.25 -10.18 -0.91
N ASP C 120 -14.14 -10.91 -0.82
CA ASP C 120 -13.88 -11.73 0.36
C ASP C 120 -12.46 -12.25 0.29
N ALA C 121 -11.83 -12.42 1.46
CA ALA C 121 -10.57 -13.14 1.51
C ALA C 121 -10.78 -14.63 1.24
N HIS C 122 -12.01 -15.09 1.46
CA HIS C 122 -12.34 -16.52 1.45
C HIS C 122 -13.39 -16.80 0.39
N ALA C 123 -13.48 -18.05 -0.09
CA ALA C 123 -14.45 -18.40 -1.12
C ALA C 123 -15.82 -18.79 -0.57
N ASP C 124 -15.90 -19.16 0.71
CA ASP C 124 -17.19 -19.47 1.35
C ASP C 124 -17.97 -20.52 0.57
N ILE C 125 -17.26 -21.46 -0.01
CA ILE C 125 -17.88 -22.42 -0.91
C ILE C 125 -17.65 -23.87 -0.45
N ASN C 126 -17.19 -24.05 0.78
CA ASN C 126 -17.20 -25.41 1.33
C ASN C 126 -18.62 -25.95 1.36
N THR C 127 -18.77 -27.27 1.25
CA THR C 127 -20.08 -27.89 1.43
C THR C 127 -20.11 -28.51 2.82
N PRO C 128 -21.30 -28.98 3.25
CA PRO C 128 -21.32 -29.72 4.53
C PRO C 128 -20.40 -30.94 4.55
N LEU C 129 -19.99 -31.41 3.37
CA LEU C 129 -19.08 -32.56 3.29
C LEU C 129 -17.61 -32.16 3.20
N THR C 130 -17.32 -30.90 2.95
CA THR C 130 -15.91 -30.51 2.82
C THR C 130 -15.42 -29.58 3.91
N THR C 131 -16.35 -28.93 4.62
CA THR C 131 -15.95 -28.00 5.69
C THR C 131 -15.14 -28.69 6.77
N SER C 132 -14.06 -28.05 7.21
CA SER C 132 -13.27 -28.59 8.30
C SER C 132 -13.63 -27.90 9.61
N SER C 133 -14.45 -26.86 9.54
CA SER C 133 -14.78 -26.08 10.73
C SER C 133 -16.19 -26.37 11.20
N GLY C 134 -17.07 -26.70 10.25
CA GLY C 134 -18.48 -26.89 10.58
C GLY C 134 -19.24 -25.59 10.65
N ASN C 135 -18.57 -24.48 10.37
CA ASN C 135 -19.19 -23.15 10.43
C ASN C 135 -19.89 -22.79 9.12
N LEU C 136 -21.19 -22.52 9.18
CA LEU C 136 -21.95 -22.28 7.97
C LEU C 136 -21.56 -21.00 7.23
N HIS C 137 -20.87 -20.08 7.88
CA HIS C 137 -20.42 -18.88 7.22
C HIS C 137 -19.38 -19.13 6.15
N GLY C 138 -18.80 -20.32 6.16
CA GLY C 138 -17.78 -20.71 5.19
C GLY C 138 -18.34 -21.63 4.13
N GLN C 139 -19.67 -21.80 4.15
CA GLN C 139 -20.38 -22.64 3.20
C GLN C 139 -21.50 -21.98 2.35
N PRO C 140 -21.79 -20.67 2.51
CA PRO C 140 -23.07 -20.24 1.93
C PRO C 140 -23.20 -20.42 0.43
N VAL C 141 -22.12 -20.27 -0.31
CA VAL C 141 -22.19 -20.37 -1.76
C VAL C 141 -22.57 -21.77 -2.22
N SER C 142 -22.16 -22.78 -1.44
CA SER C 142 -22.45 -24.18 -1.82
C SER C 142 -23.95 -24.44 -1.89
N PHE C 143 -24.73 -23.73 -1.08
CA PHE C 143 -26.18 -23.94 -1.08
C PHE C 143 -26.87 -23.19 -2.20
N LEU C 144 -26.16 -22.25 -2.82
CA LEU C 144 -26.77 -21.35 -3.80
C LEU C 144 -26.47 -21.74 -5.25
N LEU C 145 -25.37 -22.46 -5.47
CA LEU C 145 -24.89 -22.81 -6.80
C LEU C 145 -25.60 -24.02 -7.36
N ARG C 146 -26.23 -23.86 -8.53
CA ARG C 146 -26.95 -24.95 -9.16
CA ARG C 146 -26.95 -24.95 -9.16
C ARG C 146 -26.07 -26.16 -9.40
N GLU C 147 -24.88 -25.91 -9.94
CA GLU C 147 -24.00 -27.02 -10.35
C GLU C 147 -23.52 -27.91 -9.23
N LEU C 148 -23.57 -27.41 -8.01
CA LEU C 148 -23.05 -28.18 -6.86
CA LEU C 148 -23.13 -28.16 -6.85
C LEU C 148 -24.12 -29.13 -6.21
N GLN C 149 -25.35 -28.91 -6.57
CA GLN C 149 -26.45 -29.43 -5.75
CA GLN C 149 -26.44 -29.45 -5.78
C GLN C 149 -26.43 -30.95 -5.53
N ASP C 150 -25.91 -31.72 -6.47
CA ASP C 150 -25.84 -33.16 -6.22
C ASP C 150 -24.71 -33.50 -5.24
N LYS C 151 -23.89 -32.51 -4.90
CA LYS C 151 -22.80 -32.71 -3.95
C LYS C 151 -23.06 -32.11 -2.56
N VAL C 152 -24.24 -31.50 -2.39
CA VAL C 152 -24.59 -30.85 -1.13
C VAL C 152 -25.74 -31.59 -0.44
N PRO C 153 -25.47 -32.21 0.72
CA PRO C 153 -26.53 -32.91 1.45
C PRO C 153 -27.59 -31.96 2.02
N GLN C 154 -28.75 -32.52 2.33
CA GLN C 154 -29.86 -31.74 2.85
C GLN C 154 -29.74 -31.56 4.38
N LEU C 155 -29.58 -30.30 4.80
CA LEU C 155 -29.46 -29.99 6.22
C LEU C 155 -30.83 -29.71 6.83
N PRO C 156 -30.98 -30.03 8.13
CA PRO C 156 -32.19 -29.62 8.83
C PRO C 156 -32.31 -28.11 8.85
N GLY C 157 -33.48 -27.60 8.48
CA GLY C 157 -33.72 -26.18 8.40
C GLY C 157 -33.44 -25.58 7.04
N PHE C 158 -32.92 -26.39 6.12
CA PHE C 158 -32.52 -25.90 4.80
C PHE C 158 -33.41 -26.34 3.63
N SER C 159 -34.52 -27.03 3.90
CA SER C 159 -35.33 -27.62 2.82
C SER C 159 -35.99 -26.58 1.90
N TRP C 160 -36.22 -25.39 2.43
CA TRP C 160 -36.82 -24.29 1.66
C TRP C 160 -35.86 -23.77 0.58
N ILE C 161 -34.58 -24.06 0.72
CA ILE C 161 -33.60 -23.46 -0.21
C ILE C 161 -33.58 -24.12 -1.56
N LYS C 162 -33.75 -23.32 -2.60
CA LYS C 162 -33.49 -23.79 -3.95
C LYS C 162 -32.37 -22.97 -4.56
N PRO C 163 -31.31 -23.66 -5.01
CA PRO C 163 -30.14 -23.10 -5.69
C PRO C 163 -30.55 -22.18 -6.82
N CYS C 164 -29.99 -20.99 -6.86
CA CYS C 164 -30.47 -19.93 -7.75
C CYS C 164 -29.37 -19.26 -8.57
N ILE C 165 -28.15 -19.77 -8.43
CA ILE C 165 -27.00 -19.15 -9.07
C ILE C 165 -26.26 -20.23 -9.84
N SER C 166 -25.89 -19.94 -11.08
CA SER C 166 -25.02 -20.84 -11.82
CA SER C 166 -25.02 -20.84 -11.82
C SER C 166 -23.58 -20.38 -11.64
N SER C 167 -22.65 -21.29 -11.82
CA SER C 167 -21.25 -21.04 -11.57
C SER C 167 -20.67 -19.92 -12.44
N ALA C 168 -21.33 -19.65 -13.56
CA ALA C 168 -20.88 -18.59 -14.45
C ALA C 168 -21.37 -17.21 -13.99
N SER C 169 -22.22 -17.21 -12.97
CA SER C 169 -22.88 -15.96 -12.54
C SER C 169 -22.37 -15.39 -11.22
N ILE C 170 -21.26 -15.92 -10.75
CA ILE C 170 -20.60 -15.37 -9.56
C ILE C 170 -19.11 -15.17 -9.85
N VAL C 171 -18.59 -14.00 -9.47
CA VAL C 171 -17.17 -13.73 -9.58
C VAL C 171 -16.65 -13.32 -8.21
N TYR C 172 -15.55 -13.93 -7.80
CA TYR C 172 -14.93 -13.56 -6.53
C TYR C 172 -13.84 -12.54 -6.76
N ILE C 173 -13.69 -11.64 -5.80
CA ILE C 173 -12.57 -10.70 -5.80
C ILE C 173 -11.96 -10.64 -4.41
N GLY C 174 -10.68 -10.89 -4.31
CA GLY C 174 -9.99 -10.71 -3.07
C GLY C 174 -9.42 -11.94 -2.43
N LEU C 175 -9.65 -13.08 -3.06
CA LEU C 175 -9.34 -14.37 -2.44
C LEU C 175 -7.88 -14.64 -2.09
N ARG C 176 -7.64 -15.01 -0.83
CA ARG C 176 -6.30 -15.35 -0.38
C ARG C 176 -6.19 -16.44 0.68
N ASP C 177 -7.32 -17.01 1.06
CA ASP C 177 -7.35 -18.03 2.12
C ASP C 177 -8.40 -19.03 1.69
N VAL C 178 -8.00 -19.94 0.82
CA VAL C 178 -8.90 -20.88 0.18
C VAL C 178 -8.55 -22.30 0.61
N ASP C 179 -9.53 -23.06 1.11
CA ASP C 179 -9.28 -24.44 1.54
C ASP C 179 -9.09 -25.31 0.31
N PRO C 180 -8.31 -26.40 0.42
CA PRO C 180 -8.11 -27.25 -0.76
C PRO C 180 -9.41 -27.75 -1.44
N PRO C 181 -10.41 -28.22 -0.67
CA PRO C 181 -11.63 -28.62 -1.40
C PRO C 181 -12.31 -27.45 -2.12
N GLU C 182 -12.17 -26.25 -1.59
CA GLU C 182 -12.72 -25.08 -2.27
C GLU C 182 -11.98 -24.82 -3.58
N HIS C 183 -10.65 -24.94 -3.55
CA HIS C 183 -9.87 -24.74 -4.77
C HIS C 183 -10.29 -25.76 -5.83
N PHE C 184 -10.51 -26.99 -5.40
CA PHE C 184 -11.00 -28.02 -6.29
C PHE C 184 -12.32 -27.60 -6.89
N ILE C 185 -13.22 -27.12 -6.06
CA ILE C 185 -14.54 -26.71 -6.52
C ILE C 185 -14.41 -25.57 -7.52
N LEU C 186 -13.59 -24.58 -7.18
CA LEU C 186 -13.41 -23.43 -8.06
C LEU C 186 -12.88 -23.85 -9.43
N LYS C 187 -11.89 -24.73 -9.45
CA LYS C 187 -11.34 -25.19 -10.73
C LYS C 187 -12.30 -26.11 -11.47
N ASN C 188 -12.84 -27.09 -10.75
CA ASN C 188 -13.71 -28.10 -11.35
C ASN C 188 -14.98 -27.54 -11.99
N TYR C 189 -15.54 -26.49 -11.38
CA TYR C 189 -16.78 -25.92 -11.90
C TYR C 189 -16.53 -24.63 -12.69
N ASP C 190 -15.25 -24.32 -12.90
CA ASP C 190 -14.80 -23.15 -13.66
C ASP C 190 -15.42 -21.84 -13.15
N ILE C 191 -15.44 -21.69 -11.84
CA ILE C 191 -15.92 -20.45 -11.23
C ILE C 191 -14.81 -19.42 -11.34
N GLN C 192 -15.14 -18.23 -11.83
CA GLN C 192 -14.14 -17.19 -12.07
C GLN C 192 -13.84 -16.40 -10.80
N TYR C 193 -12.56 -16.18 -10.56
CA TYR C 193 -12.16 -15.42 -9.38
C TYR C 193 -10.92 -14.60 -9.67
N PHE C 194 -10.78 -13.50 -8.95
CA PHE C 194 -9.58 -12.69 -8.99
C PHE C 194 -9.01 -12.66 -7.60
N SER C 195 -7.99 -13.48 -7.38
CA SER C 195 -7.36 -13.56 -6.08
C SER C 195 -6.52 -12.31 -5.87
N MET C 196 -5.96 -12.14 -4.67
CA MET C 196 -5.06 -11.03 -4.42
C MET C 196 -3.88 -11.04 -5.39
N ARG C 197 -3.41 -12.25 -5.75
CA ARG C 197 -2.36 -12.40 -6.74
C ARG C 197 -2.80 -11.83 -8.10
N ASP C 198 -4.02 -12.13 -8.52
CA ASP C 198 -4.55 -11.56 -9.76
C ASP C 198 -4.62 -10.03 -9.71
N ILE C 199 -4.99 -9.49 -8.56
CA ILE C 199 -5.02 -8.04 -8.39
C ILE C 199 -3.61 -7.44 -8.48
N ASP C 200 -2.64 -8.11 -7.87
CA ASP C 200 -1.24 -7.69 -7.95
C ASP C 200 -0.77 -7.59 -9.40
N ARG C 201 -1.26 -8.52 -10.22
CA ARG C 201 -0.87 -8.61 -11.64
C ARG C 201 -1.62 -7.63 -12.52
N LEU C 202 -2.94 -7.63 -12.40
CA LEU C 202 -3.79 -6.87 -13.32
C LEU C 202 -4.02 -5.43 -12.88
N GLY C 203 -4.02 -5.21 -11.57
CA GLY C 203 -4.52 -3.96 -11.03
C GLY C 203 -6.04 -4.00 -10.91
N ILE C 204 -6.58 -3.29 -9.93
CA ILE C 204 -8.00 -3.38 -9.65
C ILE C 204 -8.91 -2.84 -10.77
N GLN C 205 -8.43 -1.91 -11.59
CA GLN C 205 -9.23 -1.41 -12.70
C GLN C 205 -9.53 -2.54 -13.68
N LYS C 206 -8.50 -3.25 -14.09
CA LYS C 206 -8.68 -4.37 -15.00
C LYS C 206 -9.49 -5.51 -14.36
N VAL C 207 -9.28 -5.75 -13.08
CA VAL C 207 -10.08 -6.76 -12.39
C VAL C 207 -11.57 -6.42 -12.49
N MET C 208 -11.92 -5.16 -12.26
CA MET C 208 -13.34 -4.79 -12.35
C MET C 208 -13.85 -4.86 -13.79
N GLU C 209 -13.02 -4.49 -14.74
CA GLU C 209 -13.40 -4.58 -16.14
C GLU C 209 -13.73 -6.01 -16.55
N ARG C 210 -12.85 -6.92 -16.17
CA ARG C 210 -13.05 -8.32 -16.55
C ARG C 210 -14.23 -8.93 -15.81
N THR C 211 -14.41 -8.50 -14.57
CA THR C 211 -15.53 -8.98 -13.77
C THR C 211 -16.84 -8.65 -14.46
N PHE C 212 -16.98 -7.40 -14.88
CA PHE C 212 -18.21 -7.01 -15.55
C PHE C 212 -18.36 -7.66 -16.92
N ASP C 213 -17.24 -7.86 -17.61
CA ASP C 213 -17.32 -8.54 -18.89
CA ASP C 213 -17.25 -8.57 -18.89
C ASP C 213 -17.87 -9.96 -18.72
N LEU C 214 -17.42 -10.64 -17.67
CA LEU C 214 -17.90 -11.99 -17.35
C LEU C 214 -19.38 -11.99 -16.96
N LEU C 215 -19.81 -10.99 -16.22
CA LEU C 215 -21.17 -11.04 -15.66
C LEU C 215 -22.20 -10.32 -16.51
N ILE C 216 -21.85 -9.13 -17.00
CA ILE C 216 -22.81 -8.33 -17.76
C ILE C 216 -22.27 -7.90 -19.13
N GLY C 217 -21.33 -8.67 -19.66
CA GLY C 217 -20.74 -8.36 -20.96
C GLY C 217 -21.73 -8.49 -22.10
N LYS C 218 -22.74 -9.34 -21.93
CA LYS C 218 -23.73 -9.56 -22.98
C LYS C 218 -25.12 -9.02 -22.69
N ARG C 219 -25.46 -8.84 -21.42
CA ARG C 219 -26.76 -8.27 -21.07
C ARG C 219 -26.71 -7.60 -19.70
N GLN C 220 -27.59 -6.64 -19.49
CA GLN C 220 -27.73 -5.99 -18.19
C GLN C 220 -28.38 -6.96 -17.21
N ARG C 221 -27.83 -7.05 -16.00
CA ARG C 221 -28.37 -7.91 -14.96
C ARG C 221 -28.32 -7.21 -13.62
N PRO C 222 -29.29 -7.48 -12.74
CA PRO C 222 -29.20 -6.95 -11.38
C PRO C 222 -27.97 -7.54 -10.68
N ILE C 223 -27.23 -6.69 -9.99
CA ILE C 223 -26.00 -7.15 -9.35
C ILE C 223 -26.23 -7.30 -7.86
N HIS C 224 -25.79 -8.43 -7.31
CA HIS C 224 -25.76 -8.63 -5.87
C HIS C 224 -24.32 -8.56 -5.40
N LEU C 225 -24.00 -7.53 -4.62
CA LEU C 225 -22.64 -7.38 -4.09
C LEU C 225 -22.59 -7.93 -2.67
N SER C 226 -21.89 -9.05 -2.49
CA SER C 226 -21.74 -9.63 -1.17
C SER C 226 -20.34 -9.32 -0.68
N PHE C 227 -20.24 -8.40 0.26
CA PHE C 227 -18.93 -7.86 0.64
C PHE C 227 -18.61 -8.25 2.07
N ASP C 228 -17.61 -9.13 2.23
CA ASP C 228 -17.09 -9.55 3.52
C ASP C 228 -16.00 -8.55 3.89
N ILE C 229 -16.17 -7.87 5.02
CA ILE C 229 -15.20 -6.86 5.44
C ILE C 229 -13.77 -7.43 5.51
N ASP C 230 -13.63 -8.74 5.72
CA ASP C 230 -12.30 -9.33 5.76
C ASP C 230 -11.60 -9.38 4.41
N ALA C 231 -12.27 -8.93 3.35
CA ALA C 231 -11.56 -8.77 2.08
C ALA C 231 -10.44 -7.74 2.24
N PHE C 232 -10.68 -6.76 3.09
CA PHE C 232 -9.69 -5.71 3.34
C PHE C 232 -8.52 -6.22 4.17
N ASP C 233 -7.35 -5.61 3.99
CA ASP C 233 -6.23 -5.94 4.85
C ASP C 233 -6.62 -5.76 6.33
N PRO C 234 -6.16 -6.69 7.21
CA PRO C 234 -6.47 -6.58 8.64
C PRO C 234 -6.03 -5.27 9.30
N THR C 235 -5.00 -4.60 8.77
CA THR C 235 -4.63 -3.30 9.31
C THR C 235 -5.75 -2.28 9.13
N LEU C 236 -6.58 -2.49 8.12
CA LEU C 236 -7.69 -1.60 7.83
C LEU C 236 -9.00 -2.08 8.45
N ALA C 237 -9.17 -3.39 8.52
CA ALA C 237 -10.41 -3.97 9.06
C ALA C 237 -10.09 -5.01 10.10
N PRO C 238 -9.56 -4.56 11.25
CA PRO C 238 -9.14 -5.53 12.25
C PRO C 238 -10.31 -6.22 12.97
N ALA C 239 -11.45 -5.54 13.07
CA ALA C 239 -12.58 -6.08 13.85
C ALA C 239 -13.39 -7.06 13.02
N THR C 240 -12.84 -8.26 12.84
CA THR C 240 -13.49 -9.29 12.04
C THR C 240 -12.97 -10.65 12.47
N GLY C 241 -13.75 -11.70 12.24
CA GLY C 241 -13.48 -13.02 12.81
C GLY C 241 -12.35 -13.81 12.20
N THR C 242 -12.14 -13.66 10.91
CA THR C 242 -11.11 -14.43 10.22
CA THR C 242 -11.12 -14.45 10.23
C THR C 242 -10.21 -13.55 9.37
N PRO C 243 -9.40 -12.70 10.02
CA PRO C 243 -8.53 -11.79 9.27
C PRO C 243 -7.40 -12.54 8.57
N VAL C 244 -7.02 -12.11 7.38
CA VAL C 244 -5.93 -12.75 6.65
C VAL C 244 -5.02 -11.65 6.10
N VAL C 245 -3.72 -11.73 6.39
CA VAL C 245 -2.80 -10.68 5.92
C VAL C 245 -2.79 -10.57 4.39
N GLY C 246 -2.45 -9.38 3.90
CA GLY C 246 -2.25 -9.16 2.47
C GLY C 246 -3.53 -8.90 1.70
N GLY C 247 -4.42 -8.09 2.27
CA GLY C 247 -5.71 -7.86 1.65
C GLY C 247 -5.81 -6.61 0.81
N LEU C 248 -7.03 -6.27 0.42
CA LEU C 248 -7.32 -5.06 -0.35
C LEU C 248 -6.87 -3.84 0.43
N THR C 249 -6.38 -2.83 -0.29
CA THR C 249 -6.10 -1.54 0.32
C THR C 249 -7.42 -0.78 0.39
N TYR C 250 -7.42 0.29 1.17
CA TYR C 250 -8.59 1.16 1.23
C TYR C 250 -8.97 1.61 -0.17
N ARG C 251 -7.99 2.07 -0.93
CA ARG C 251 -8.28 2.57 -2.28
C ARG C 251 -8.87 1.50 -3.20
N GLU C 252 -8.36 0.27 -3.11
CA GLU C 252 -8.90 -0.82 -3.93
C GLU C 252 -10.34 -1.10 -3.62
N GLY C 253 -10.65 -1.16 -2.32
CA GLY C 253 -12.01 -1.39 -1.86
C GLY C 253 -12.96 -0.32 -2.37
N MET C 254 -12.55 0.93 -2.24
CA MET C 254 -13.36 2.02 -2.77
C MET C 254 -13.55 1.88 -4.27
N TYR C 255 -12.49 1.48 -4.96
CA TYR C 255 -12.57 1.36 -6.40
C TYR C 255 -13.59 0.31 -6.82
N ILE C 256 -13.56 -0.84 -6.16
CA ILE C 256 -14.56 -1.87 -6.40
C ILE C 256 -15.96 -1.30 -6.27
N ALA C 257 -16.20 -0.65 -5.15
CA ALA C 257 -17.53 -0.13 -4.86
C ALA C 257 -17.96 0.92 -5.87
N GLU C 258 -17.03 1.80 -6.23
CA GLU C 258 -17.26 2.82 -7.25
C GLU C 258 -17.65 2.17 -8.57
N GLU C 259 -16.95 1.11 -8.95
CA GLU C 259 -17.28 0.45 -10.22
C GLU C 259 -18.63 -0.24 -10.16
N ILE C 260 -18.95 -0.83 -9.01
CA ILE C 260 -20.29 -1.38 -8.80
C ILE C 260 -21.34 -0.30 -9.01
N HIS C 261 -21.16 0.85 -8.36
CA HIS C 261 -22.10 1.94 -8.52
C HIS C 261 -22.21 2.39 -9.98
N ASN C 262 -21.08 2.46 -10.66
CA ASN C 262 -21.07 2.97 -12.03
C ASN C 262 -21.81 2.10 -13.02
N THR C 263 -22.04 0.83 -12.68
CA THR C 263 -22.82 -0.04 -13.56
C THR C 263 -24.27 0.41 -13.60
N GLY C 264 -24.71 1.07 -12.53
CA GLY C 264 -26.11 1.44 -12.39
C GLY C 264 -27.00 0.24 -12.14
N LEU C 265 -26.41 -0.92 -11.87
CA LEU C 265 -27.16 -2.17 -11.76
C LEU C 265 -27.19 -2.79 -10.35
N LEU C 266 -26.60 -2.11 -9.37
CA LEU C 266 -26.60 -2.64 -8.00
C LEU C 266 -28.02 -2.80 -7.47
N SER C 267 -28.38 -4.02 -7.07
CA SER C 267 -29.75 -4.30 -6.66
C SER C 267 -29.84 -4.75 -5.20
N ALA C 268 -28.78 -5.39 -4.70
CA ALA C 268 -28.68 -5.73 -3.28
C ALA C 268 -27.22 -5.79 -2.89
N LEU C 269 -26.95 -5.49 -1.63
CA LEU C 269 -25.60 -5.47 -1.09
C LEU C 269 -25.61 -6.05 0.32
N ASP C 270 -24.67 -6.96 0.59
CA ASP C 270 -24.44 -7.45 1.93
C ASP C 270 -23.14 -6.85 2.44
N LEU C 271 -23.09 -6.43 3.68
CA LEU C 271 -21.84 -6.02 4.30
C LEU C 271 -21.72 -6.78 5.59
N VAL C 272 -20.91 -7.81 5.55
CA VAL C 272 -20.90 -8.80 6.62
C VAL C 272 -19.57 -8.90 7.34
N GLU C 273 -19.63 -9.56 8.49
CA GLU C 273 -18.47 -9.98 9.28
C GLU C 273 -17.76 -8.89 10.07
N VAL C 274 -18.38 -7.72 10.19
CA VAL C 274 -17.90 -6.73 11.14
C VAL C 274 -18.24 -7.20 12.55
N ASN C 275 -17.21 -7.46 13.35
CA ASN C 275 -17.39 -7.91 14.74
C ASN C 275 -16.65 -6.97 15.66
N PRO C 276 -17.36 -5.97 16.21
CA PRO C 276 -16.71 -4.93 17.01
C PRO C 276 -16.06 -5.48 18.28
N GLN C 277 -16.54 -6.61 18.78
CA GLN C 277 -15.96 -7.20 19.99
C GLN C 277 -14.56 -7.76 19.78
N LEU C 278 -14.16 -7.99 18.53
CA LEU C 278 -12.84 -8.56 18.28
C LEU C 278 -11.80 -7.47 18.14
N ALA C 279 -12.28 -6.24 18.18
CA ALA C 279 -11.39 -5.10 18.13
C ALA C 279 -10.59 -5.09 19.43
N THR C 280 -9.31 -4.82 19.41
CA THR C 280 -8.62 -4.76 20.71
C THR C 280 -8.75 -3.34 21.33
N SER C 281 -9.11 -2.39 20.48
CA SER C 281 -9.33 -1.05 21.02
C SER C 281 -10.61 -0.47 20.44
N GLU C 282 -11.11 0.57 21.08
CA GLU C 282 -12.31 1.23 20.58
C GLU C 282 -12.05 1.83 19.19
N GLU C 283 -10.84 2.32 18.98
CA GLU C 283 -10.42 2.83 17.70
C GLU C 283 -10.49 1.78 16.59
N GLU C 284 -10.02 0.57 16.87
CA GLU C 284 -10.06 -0.51 15.89
C GLU C 284 -11.50 -0.87 15.50
N ALA C 285 -12.40 -0.86 16.47
CA ALA C 285 -13.79 -1.15 16.19
C ALA C 285 -14.38 -0.04 15.34
N LYS C 286 -14.13 1.20 15.72
CA LYS C 286 -14.70 2.32 14.97
C LYS C 286 -14.17 2.41 13.55
N THR C 287 -12.88 2.18 13.36
CA THR C 287 -12.32 2.30 12.03
CA THR C 287 -12.32 2.28 12.02
C THR C 287 -12.89 1.21 11.10
N THR C 288 -13.13 0.01 11.65
CA THR C 288 -13.73 -1.08 10.85
C THR C 288 -15.13 -0.73 10.41
N ALA C 289 -15.90 -0.17 11.33
CA ALA C 289 -17.26 0.25 11.05
C ALA C 289 -17.30 1.40 10.06
N ASN C 290 -16.40 2.37 10.23
CA ASN C 290 -16.30 3.49 9.30
C ASN C 290 -16.00 3.00 7.90
N LEU C 291 -15.11 2.01 7.83
CA LEU C 291 -14.73 1.41 6.55
C LEU C 291 -15.92 0.74 5.90
N ALA C 292 -16.70 0.03 6.71
CA ALA C 292 -17.94 -0.60 6.23
C ALA C 292 -18.89 0.45 5.65
N VAL C 293 -19.03 1.57 6.36
CA VAL C 293 -19.86 2.64 5.86
C VAL C 293 -19.31 3.22 4.54
N ASP C 294 -18.00 3.40 4.45
CA ASP C 294 -17.38 3.87 3.19
C ASP C 294 -17.68 2.95 1.99
N VAL C 295 -17.61 1.65 2.19
CA VAL C 295 -17.95 0.71 1.13
C VAL C 295 -19.39 0.86 0.67
N ILE C 296 -20.32 0.88 1.61
CA ILE C 296 -21.73 0.97 1.25
C ILE C 296 -22.02 2.30 0.56
N ALA C 297 -21.49 3.40 1.11
CA ALA C 297 -21.73 4.71 0.51
C ALA C 297 -21.14 4.80 -0.91
N SER C 298 -19.94 4.25 -1.11
CA SER C 298 -19.32 4.27 -2.43
CA SER C 298 -19.32 4.29 -2.43
C SER C 298 -20.12 3.43 -3.41
N SER C 299 -20.70 2.35 -2.91
CA SER C 299 -21.53 1.48 -3.75
C SER C 299 -22.80 2.19 -4.23
N PHE C 300 -23.20 3.22 -3.50
CA PHE C 300 -24.39 3.99 -3.86
C PHE C 300 -24.10 5.39 -4.35
N GLY C 301 -22.84 5.64 -4.67
CA GLY C 301 -22.50 6.82 -5.44
C GLY C 301 -21.52 7.79 -4.83
N GLN C 302 -21.05 7.53 -3.61
CA GLN C 302 -20.05 8.44 -3.06
C GLN C 302 -18.77 8.35 -3.88
N THR C 303 -18.26 9.51 -4.29
CA THR C 303 -17.07 9.60 -5.13
C THR C 303 -15.92 10.21 -4.38
N ARG C 304 -14.71 10.08 -4.93
CA ARG C 304 -13.56 10.77 -4.39
C ARG C 304 -13.22 12.03 -5.19
N GLU C 305 -14.15 12.52 -6.00
CA GLU C 305 -13.91 13.77 -6.70
C GLU C 305 -15.05 14.79 -6.65
N GLY C 306 -16.05 14.53 -5.81
CA GLY C 306 -17.11 15.49 -5.62
C GLY C 306 -18.23 15.40 -6.65
MN MN D . -4.04 22.59 0.29
MN MN E . -5.26 19.75 1.55
C1 BEN F . -23.60 35.21 4.83
C2 BEN F . -24.42 34.46 4.01
C3 BEN F . -24.86 35.02 2.81
C4 BEN F . -24.44 36.31 2.47
C5 BEN F . -23.61 37.06 3.29
C6 BEN F . -23.18 36.49 4.48
C BEN F . -23.12 34.63 6.12
N1 BEN F . -21.91 35.00 6.55
N2 BEN F . -23.88 33.76 6.78
C1 BME G . 20.51 20.63 -6.71
C2 BME G . 19.79 21.74 -5.95
O1 BME G . 19.70 20.19 -7.78
S2 BME G . 20.03 21.60 -4.16
C1 BME H . 13.09 31.27 -14.91
C2 BME H . 12.33 32.55 -14.55
O1 BME H . 13.01 30.35 -13.83
S2 BME H . 11.25 33.02 -15.92
CL2 38I I . -19.95 21.86 1.56
C26 38I I . -19.13 20.75 2.70
C25 38I I . -19.80 20.14 3.76
CL1 38I I . -21.54 20.41 4.08
C24 38I I . -19.13 19.28 4.61
C23 38I I . -17.78 19.03 4.42
C27 38I I . -17.79 20.51 2.50
C22 38I I . -17.12 19.65 3.36
C21 38I I . -15.67 19.37 3.15
N16 38I I . -15.06 19.85 4.42
C17 38I I . -13.63 19.64 4.52
C19 38I I . -13.32 20.31 5.86
C20 38I I . -14.47 21.27 6.09
C15 38I I . -15.25 21.27 4.79
C14 38I I . -14.56 22.31 3.91
C18 38I I . -12.90 20.38 3.41
C7 38I I . -13.48 21.74 2.99
C4 38I I . -12.37 22.68 2.51
C1 38I I . -12.48 24.15 2.88
O3 38I I . -12.33 24.53 4.07
O2 38I I . -12.69 24.96 1.95
N6 38I I . -12.56 22.59 1.05
C5 38I I . -11.01 22.13 2.95
C8 38I I . -9.81 22.93 2.51
C9 38I I . -8.49 22.38 3.05
C10 38I I . -7.36 23.32 2.61
B11 38I I . -6.02 22.50 2.37
O30 38I I . -4.98 23.62 2.12
O13 38I I . -5.46 21.81 3.58
O12 38I I . -5.91 21.77 1.06
MN MN J . 21.64 -7.28 2.19
MN MN K . 19.75 -4.63 2.97
C1 BEN L . 42.21 4.04 5.59
C2 BEN L . 41.98 4.95 4.56
C3 BEN L . 42.72 4.86 3.38
C4 BEN L . 43.67 3.86 3.24
C5 BEN L . 43.90 2.94 4.26
C6 BEN L . 43.17 3.03 5.44
C BEN L . 41.43 4.12 6.86
N1 BEN L . 41.16 3.00 7.53
N2 BEN L . 41.05 5.31 7.31
C1 BME M . 7.08 -27.98 -2.65
C2 BME M . 7.77 -29.03 -1.79
O1 BME M . 7.99 -27.46 -3.60
S2 BME M . 9.43 -28.50 -1.29
C1 BME N . 20.74 -27.51 -11.12
C2 BME N . 20.78 -27.63 -9.59
O1 BME N . 19.50 -27.94 -11.62
S2 BME N . 20.85 -29.34 -8.99
CL2 38I O . 29.12 6.50 1.32
C26 38I O . 27.76 6.67 2.48
C25 38I O . 27.66 7.63 3.49
CL1 38I O . 28.87 8.89 3.82
C24 38I O . 26.56 7.70 4.34
C23 38I O . 25.54 6.80 4.19
C27 38I O . 26.73 5.76 2.34
C22 38I O . 25.64 5.84 3.19
C21 38I O . 24.54 4.82 3.08
N16 38I O . 24.65 4.22 4.42
C17 38I O . 23.73 3.14 4.74
C19 38I O . 24.12 2.87 6.19
C20 38I O . 25.56 3.39 6.34
C15 38I O . 25.97 3.74 4.93
C14 38I O . 26.54 2.47 4.30
C18 38I O . 24.03 1.91 3.91
C7 38I O . 25.51 1.67 3.52
C4 38I O . 25.78 0.17 3.36
C1 38I O . 27.12 -0.36 3.87
O3 38I O . 27.36 -0.46 5.09
O2 38I O . 27.97 -0.71 3.02
N6 38I O . 25.82 0.11 1.90
C5 38I O . 24.61 -0.66 3.90
C8 38I O . 24.86 -2.16 3.93
C9 38I O . 23.58 -2.93 4.30
C10 38I O . 23.83 -4.43 4.09
B11 38I O . 22.47 -5.20 3.95
O30 38I O . 22.92 -6.68 3.90
O13 38I O . 21.55 -5.19 5.13
O12 38I O . 21.79 -5.09 2.62
MN MN P . -14.07 -13.98 4.68
MN MN Q . -17.30 -14.46 3.75
C1 BEN R . -17.87 -37.02 11.18
C2 BEN R . -16.88 -37.60 10.41
C3 BEN R . -17.22 -38.41 9.33
C4 BEN R . -18.56 -38.63 9.04
C5 BEN R . -19.56 -38.06 9.81
C6 BEN R . -19.21 -37.25 10.89
C BEN R . -17.48 -36.16 12.33
N1 BEN R . -18.30 -35.20 12.77
N2 BEN R . -16.31 -36.40 12.93
C1 BME S . -28.75 6.86 -4.36
C2 BME S . -29.16 5.77 -3.37
O1 BME S . -28.47 6.28 -5.60
S2 BME S . -28.97 6.34 -1.67
C1 BME T . -35.14 -8.33 -8.94
C2 BME T . -33.74 -8.95 -8.90
O1 BME T . -35.42 -7.87 -10.25
S2 BME T . -33.68 -10.62 -9.57
CL2 38I U . -9.05 -27.89 5.00
C26 38I U . -7.99 -26.59 5.68
C25 38I U . -6.69 -26.85 6.07
CL1 38I U . -5.95 -28.48 5.90
C24 38I U . -5.93 -25.80 6.59
C23 38I U . -6.46 -24.52 6.75
C27 38I U . -8.52 -25.32 5.84
C22 38I U . -7.77 -24.28 6.38
C21 38I U . -8.39 -22.89 6.50
N16 38I U . -8.89 -22.40 7.78
C17 38I U . -9.33 -21.00 7.73
C19 38I U . -9.89 -20.77 9.13
C20 38I U . -10.24 -22.18 9.63
C15 38I U . -10.04 -23.08 8.42
C14 38I U . -11.37 -23.03 7.65
C18 38I U . -10.48 -20.78 6.74
C7 38I U . -11.52 -21.91 6.61
C4 38I U . -12.93 -21.39 6.32
C1 38I U . -14.07 -22.19 6.94
O3 38I U . -14.33 -22.11 8.16
O2 38I U . -14.74 -22.90 6.15
N6 38I U . -13.05 -21.59 4.88
C5 38I U . -13.04 -19.90 6.68
C8 38I U . -14.46 -19.37 6.65
C9 38I U . -14.54 -17.84 6.72
C10 38I U . -15.97 -17.39 6.34
B11 38I U . -15.99 -15.86 5.88
O30 38I U . -17.51 -15.58 5.78
O13 38I U . -15.53 -14.84 6.88
O12 38I U . -15.67 -15.56 4.44
#